data_2A1D
#
_entry.id   2A1D
#
_cell.length_a   183.780
_cell.length_b   102.540
_cell.length_c   134.040
_cell.angle_alpha   90.00
_cell.angle_beta   129.14
_cell.angle_gamma   90.00
#
_symmetry.space_group_name_H-M   'C 1 2 1'
#
loop_
_entity.id
_entity.type
_entity.pdbx_description
1 polymer thrombin
2 polymer thrombin
3 polymer Staphylocoagulase
4 non-polymer D-phenylalanyl-N-[(2S,3S)-6-{[amino(iminio)methyl]amino}-1-chloro-2-hydroxyhexan-3-yl]-L-prolinamide
5 non-polymer 2-acetamido-2-deoxy-beta-D-glucopyranose
6 non-polymer 'SODIUM ION'
#
loop_
_entity_poly.entity_id
_entity_poly.type
_entity_poly.pdbx_seq_one_letter_code
_entity_poly.pdbx_strand_id
1 'polypeptide(L)' FFNEKTFGAGEADCGLRPLFEKKQVQDQTEKELFESYIEGR A,E
2 'polypeptide(L)'
;IVEGQDAEVGLSPWQVMLFRKSPQELLCGASLISDRWVLTAAHCLLYPPWDKNFTVDDLLVRIGKHSRTRYERKVEKISM
LDKIYIHPRYNWKENLDRDIALLKLKRPIELSDYIHPVCLPDKQTAAKLLHAGFKGRVTGWGNRRETWTTSVAEVQPSVL
QVVNLPLVERPVCKASTRIRITDNMFCAGYKPGEGKRGDACEGDSGGPFVMKSPYNNRWYQMGIVSWGEGCDRDGKYGFY
THVFRLKKWIQKVIDRLGS
;
B,F
3 'polypeptide(L)'
;MIVTKDYSKESRVNENSKYGTLISDWYLKGRLTSLESQFINALDILETYHYGEKEYKDAKDKLMTRILGEDQYLLERKKV
QYEEYKKLYQKYKEENPTSKLKLKTFDQYTIEDLTMREYNELTESLKSAVKDFEKDVEKIENQHHDLKPFTDEMEEKATS
RVDDLANKAYSVYFAFVRDTQHKTEALELKAKVDLVLGDEDKPHRISNERIEKEMIKDLESIIEDFFIETGLNKPGNITS
YDSSKHHYKNHSEGFEALVKETREAVANADESWKTKTVKKYGESETKSPVVKEENKVEDPQSPKFDNQQEVKTTAGKAEE
TTQPVAQPL
;
D,H
#
# COMPACT_ATOMS: atom_id res chain seq x y z
N PHE A 1 -52.12 -30.11 0.84
CA PHE A 1 -52.64 -31.17 1.72
C PHE A 1 -52.79 -30.59 3.13
N PHE A 2 -53.20 -29.33 3.19
CA PHE A 2 -53.38 -28.68 4.47
C PHE A 2 -54.86 -28.43 4.69
N ASN A 3 -55.23 -28.10 5.92
CA ASN A 3 -56.62 -27.80 6.24
C ASN A 3 -56.78 -26.27 6.26
N GLU A 4 -57.58 -25.76 5.33
CA GLU A 4 -57.83 -24.32 5.21
C GLU A 4 -57.87 -23.61 6.55
N LYS A 5 -58.45 -24.26 7.56
CA LYS A 5 -58.54 -23.64 8.86
C LYS A 5 -57.20 -23.23 9.45
N THR A 6 -56.10 -23.68 8.82
CA THR A 6 -54.75 -23.37 9.29
C THR A 6 -53.87 -22.88 8.18
N PHE A 7 -54.12 -23.32 6.97
CA PHE A 7 -53.29 -22.92 5.82
C PHE A 7 -53.97 -21.84 4.99
N GLY A 8 -55.25 -21.62 5.23
CA GLY A 8 -55.99 -20.63 4.47
C GLY A 8 -56.50 -21.26 3.19
N ALA A 9 -57.32 -20.54 2.45
CA ALA A 9 -57.88 -21.07 1.22
C ALA A 9 -56.94 -20.83 0.05
N GLY A 10 -57.23 -21.45 -1.09
CA GLY A 10 -56.42 -21.27 -2.27
C GLY A 10 -55.70 -22.54 -2.67
N GLU A 11 -55.53 -23.42 -1.67
CA GLU A 11 -54.85 -24.71 -1.82
C GLU A 11 -55.40 -25.49 -3.00
N ALA A 12 -56.71 -25.63 -2.98
CA ALA A 12 -57.46 -26.33 -4.01
C ALA A 12 -57.20 -25.83 -5.42
N ASP A 13 -57.27 -24.51 -5.59
CA ASP A 13 -57.07 -23.88 -6.89
C ASP A 13 -55.65 -23.58 -7.27
N CYS A 14 -54.76 -23.65 -6.28
CA CYS A 14 -53.36 -23.36 -6.52
C CYS A 14 -52.89 -23.65 -7.95
N GLY A 15 -51.81 -22.98 -8.36
CA GLY A 15 -51.21 -23.22 -9.67
C GLY A 15 -51.91 -22.88 -10.97
N LEU A 16 -53.15 -22.41 -10.90
CA LEU A 16 -53.87 -22.09 -12.13
C LEU A 16 -54.00 -20.57 -12.30
N ARG A 17 -53.35 -20.02 -13.31
CA ARG A 17 -53.37 -18.58 -13.54
C ARG A 17 -54.64 -18.06 -14.22
N PRO A 18 -55.49 -17.36 -13.45
CA PRO A 18 -56.76 -16.80 -13.91
C PRO A 18 -56.68 -16.02 -15.21
N LEU A 19 -55.48 -15.64 -15.62
CA LEU A 19 -55.36 -14.87 -16.84
C LEU A 19 -54.62 -15.65 -17.93
N PHE A 20 -54.39 -16.92 -17.64
CA PHE A 20 -53.70 -17.83 -18.56
C PHE A 20 -54.35 -19.20 -18.51
N GLU A 21 -54.07 -19.94 -17.43
CA GLU A 21 -54.62 -21.27 -17.25
C GLU A 21 -56.13 -21.29 -17.44
N LYS A 22 -56.87 -20.87 -16.42
CA LYS A 22 -58.33 -20.83 -16.45
C LYS A 22 -58.81 -19.88 -17.55
N LYS A 23 -58.32 -20.11 -18.75
CA LYS A 23 -58.67 -19.31 -19.92
C LYS A 23 -57.95 -19.86 -21.13
N GLN A 24 -57.38 -21.06 -21.00
CA GLN A 24 -56.66 -21.69 -22.10
C GLN A 24 -55.70 -20.73 -22.81
N VAL A 25 -54.90 -20.00 -22.03
CA VAL A 25 -53.93 -19.05 -22.59
C VAL A 25 -52.52 -19.45 -22.15
N GLN A 26 -51.71 -19.95 -23.07
CA GLN A 26 -50.34 -20.33 -22.72
C GLN A 26 -49.45 -19.09 -22.75
N ASP A 27 -48.40 -19.06 -21.93
CA ASP A 27 -47.52 -17.89 -21.87
C ASP A 27 -46.29 -18.00 -22.78
N GLN A 28 -45.78 -16.84 -23.15
CA GLN A 28 -44.63 -16.72 -24.05
C GLN A 28 -43.50 -17.73 -23.93
N THR A 29 -43.33 -18.36 -22.77
CA THR A 29 -42.27 -19.33 -22.60
C THR A 29 -42.69 -20.48 -21.74
N GLU A 30 -43.82 -21.10 -22.08
CA GLU A 30 -44.34 -22.21 -21.31
C GLU A 30 -43.89 -23.53 -21.94
N LYS A 31 -44.16 -23.68 -23.24
CA LYS A 31 -43.78 -24.88 -23.95
C LYS A 31 -42.30 -25.11 -23.69
N GLU A 32 -41.57 -24.02 -23.45
CA GLU A 32 -40.13 -24.09 -23.21
C GLU A 32 -39.79 -25.02 -22.07
N LEU A 33 -40.69 -25.11 -21.10
CA LEU A 33 -40.45 -25.99 -19.98
C LEU A 33 -40.77 -27.41 -20.40
N PHE A 34 -41.74 -27.55 -21.30
CA PHE A 34 -42.13 -28.87 -21.81
C PHE A 34 -41.09 -29.39 -22.79
N GLU A 35 -40.22 -28.50 -23.24
CA GLU A 35 -39.16 -28.88 -24.17
C GLU A 35 -38.07 -29.58 -23.35
N SER A 36 -38.04 -29.27 -22.06
CA SER A 36 -37.04 -29.85 -21.17
C SER A 36 -37.51 -31.19 -20.66
N TYR A 37 -38.81 -31.42 -20.71
CA TYR A 37 -39.36 -32.67 -20.22
C TYR A 37 -39.15 -33.86 -21.16
N ILE A 38 -39.41 -33.66 -22.45
CA ILE A 38 -39.26 -34.73 -23.44
C ILE A 38 -38.54 -34.26 -24.71
N GLU A 39 -37.33 -34.76 -24.93
CA GLU A 39 -36.56 -34.37 -26.11
C GLU A 39 -36.83 -35.29 -27.30
N GLY A 40 -37.54 -36.39 -27.05
CA GLY A 40 -37.85 -37.32 -28.12
C GLY A 40 -39.34 -37.57 -28.25
N ARG A 41 -39.70 -38.62 -28.96
CA ARG A 41 -41.11 -38.98 -29.16
C ARG A 41 -41.89 -37.90 -29.91
N ILE B 1 -32.93 -10.64 -12.02
CA ILE B 1 -32.71 -11.77 -12.94
C ILE B 1 -31.87 -11.36 -14.13
N VAL B 2 -30.81 -12.13 -14.37
CA VAL B 2 -29.90 -11.93 -15.47
C VAL B 2 -30.35 -12.73 -16.70
N GLU B 3 -30.24 -12.12 -17.87
CA GLU B 3 -30.70 -12.74 -19.11
C GLU B 3 -32.19 -12.91 -18.95
N GLY B 4 -32.77 -12.04 -18.12
CA GLY B 4 -34.19 -12.06 -17.86
C GLY B 4 -35.07 -11.70 -19.05
N GLN B 5 -36.30 -11.28 -18.77
CA GLN B 5 -37.24 -10.92 -19.80
C GLN B 5 -38.50 -10.38 -19.10
N ASP B 6 -39.06 -9.30 -19.64
CA ASP B 6 -40.27 -8.68 -19.10
C ASP B 6 -41.37 -9.74 -18.96
N ALA B 7 -41.88 -9.94 -17.75
CA ALA B 7 -42.94 -10.92 -17.57
C ALA B 7 -44.19 -10.44 -18.29
N GLU B 8 -45.21 -11.30 -18.38
CA GLU B 8 -46.45 -10.92 -19.04
C GLU B 8 -47.44 -10.71 -17.93
N VAL B 9 -47.63 -9.46 -17.52
CA VAL B 9 -48.56 -9.12 -16.46
C VAL B 9 -49.58 -10.23 -16.21
N GLY B 10 -49.54 -10.80 -15.01
CA GLY B 10 -50.45 -11.88 -14.65
C GLY B 10 -49.81 -13.23 -14.92
N LEU B 11 -48.48 -13.24 -14.96
CA LEU B 11 -47.66 -14.43 -15.23
C LEU B 11 -47.26 -15.17 -13.97
N SER B 12 -47.13 -14.44 -12.87
CA SER B 12 -46.78 -15.04 -11.60
C SER B 12 -47.54 -14.46 -10.42
N PRO B 13 -48.86 -14.66 -10.39
CA PRO B 13 -49.71 -14.16 -9.32
C PRO B 13 -49.15 -14.40 -7.92
N TRP B 14 -48.69 -15.62 -7.67
CA TRP B 14 -48.12 -16.00 -6.38
C TRP B 14 -46.83 -15.26 -6.05
N GLN B 15 -46.36 -14.46 -7.02
CA GLN B 15 -45.15 -13.68 -6.85
C GLN B 15 -45.38 -12.52 -5.90
N VAL B 16 -44.75 -12.60 -4.75
CA VAL B 16 -44.86 -11.55 -3.77
C VAL B 16 -43.57 -10.76 -3.90
N MET B 17 -43.52 -9.59 -3.26
CA MET B 17 -42.36 -8.71 -3.31
C MET B 17 -42.12 -8.23 -1.89
N LEU B 18 -41.12 -8.80 -1.23
CA LEU B 18 -40.79 -8.40 0.13
C LEU B 18 -40.14 -7.02 0.07
N PHE B 19 -40.90 -6.03 0.52
CA PHE B 19 -40.48 -4.65 0.49
C PHE B 19 -40.22 -4.18 1.92
N ARG B 20 -39.23 -3.31 2.10
CA ARG B 20 -38.93 -2.77 3.42
C ARG B 20 -39.65 -1.45 3.56
N LYS B 21 -40.20 -1.19 4.74
CA LYS B 21 -40.93 0.06 4.97
C LYS B 21 -40.07 1.31 4.87
N SER B 22 -39.14 1.46 5.79
CA SER B 22 -38.23 2.61 5.80
C SER B 22 -36.82 2.22 6.23
N PRO B 23 -35.82 2.66 5.47
CA PRO B 23 -36.05 3.47 4.27
C PRO B 23 -36.65 2.64 3.15
N GLN B 24 -37.67 3.16 2.49
CA GLN B 24 -38.30 2.40 1.41
C GLN B 24 -37.23 1.74 0.57
N GLU B 25 -37.21 0.42 0.60
CA GLU B 25 -36.21 -0.34 -0.14
C GLU B 25 -36.69 -1.76 -0.45
N LEU B 26 -36.43 -2.22 -1.67
CA LEU B 26 -36.81 -3.57 -2.10
C LEU B 26 -35.86 -4.61 -1.51
N LEU B 27 -36.42 -5.59 -0.80
CA LEU B 27 -35.61 -6.61 -0.17
C LEU B 27 -35.49 -7.91 -0.95
N CYS B 28 -36.62 -8.56 -1.25
CA CYS B 28 -36.60 -9.82 -1.99
C CYS B 28 -37.90 -10.15 -2.66
N GLY B 29 -37.90 -11.27 -3.39
CA GLY B 29 -39.11 -11.75 -4.02
C GLY B 29 -39.72 -12.66 -2.95
N ALA B 30 -40.81 -13.33 -3.26
CA ALA B 30 -41.43 -14.22 -2.29
C ALA B 30 -42.39 -15.12 -3.02
N SER B 31 -43.21 -15.85 -2.28
CA SER B 31 -44.16 -16.76 -2.90
C SER B 31 -45.44 -16.86 -2.09
N LEU B 32 -46.58 -16.67 -2.74
CA LEU B 32 -47.87 -16.79 -2.07
C LEU B 32 -48.30 -18.25 -2.23
N ILE B 33 -48.59 -18.93 -1.12
CA ILE B 33 -48.99 -20.33 -1.21
C ILE B 33 -50.45 -20.61 -0.78
N SER B 34 -51.16 -19.56 -0.37
CA SER B 34 -52.56 -19.67 0.02
C SER B 34 -53.12 -18.25 0.01
N ASP B 35 -53.93 -17.90 1.00
CA ASP B 35 -54.48 -16.56 1.01
C ASP B 35 -54.01 -15.85 2.26
N ARG B 36 -53.04 -16.44 2.97
CA ARG B 36 -52.51 -15.82 4.18
C ARG B 36 -51.09 -16.26 4.47
N TRP B 37 -50.59 -17.19 3.66
CA TRP B 37 -49.23 -17.67 3.80
C TRP B 37 -48.41 -17.37 2.57
N VAL B 38 -47.23 -16.81 2.82
CA VAL B 38 -46.31 -16.49 1.75
C VAL B 38 -44.95 -17.07 2.17
N LEU B 39 -44.26 -17.68 1.20
CA LEU B 39 -42.98 -18.36 1.38
C LEU B 39 -41.76 -17.64 0.79
N THR B 40 -40.70 -17.49 1.57
CA THR B 40 -39.50 -16.81 1.07
C THR B 40 -38.16 -17.36 1.60
N ALA B 41 -37.08 -16.89 1.00
CA ALA B 41 -35.73 -17.30 1.37
C ALA B 41 -35.39 -16.78 2.76
N ALA B 42 -35.25 -17.70 3.69
CA ALA B 42 -34.92 -17.41 5.09
C ALA B 42 -33.98 -16.25 5.35
N HIS B 43 -32.94 -16.12 4.53
CA HIS B 43 -31.95 -15.06 4.74
C HIS B 43 -32.40 -13.68 4.31
N CYS B 44 -33.54 -13.58 3.65
CA CYS B 44 -34.01 -12.27 3.23
C CYS B 44 -34.36 -11.48 4.46
N LEU B 45 -34.75 -12.17 5.52
CA LEU B 45 -35.09 -11.49 6.76
C LEU B 45 -33.87 -11.40 7.69
N LEU B 46 -33.26 -12.54 7.99
CA LEU B 46 -32.08 -12.58 8.85
C LEU B 46 -30.79 -13.07 8.18
N TYR B 47 -29.71 -12.34 8.46
CA TYR B 47 -28.38 -12.65 7.94
C TYR B 47 -27.31 -11.77 8.57
N PRO B 48 -26.92 -12.08 9.82
CA PRO B 48 -25.91 -11.40 10.65
C PRO B 48 -24.63 -10.85 9.99
N PRO B 49 -24.09 -11.54 8.96
CA PRO B 49 -22.88 -10.97 8.36
C PRO B 49 -23.19 -9.57 7.84
N TRP B 50 -24.38 -9.36 7.29
CA TRP B 50 -24.78 -8.04 6.81
C TRP B 50 -25.65 -7.30 7.82
N ASP B 51 -25.48 -7.63 9.09
CA ASP B 51 -26.25 -6.99 10.15
C ASP B 51 -27.73 -7.02 9.85
N LYS B 52 -28.18 -8.05 9.11
CA LYS B 52 -29.60 -8.20 8.75
C LYS B 52 -30.41 -9.03 9.72
N ASN B 53 -31.55 -8.48 10.11
CA ASN B 53 -32.46 -9.12 11.03
C ASN B 53 -33.69 -8.22 11.08
N PHE B 54 -34.56 -8.42 10.09
CA PHE B 54 -35.78 -7.65 10.02
C PHE B 54 -36.86 -8.35 10.82
N THR B 55 -37.95 -7.63 11.05
CA THR B 55 -39.06 -8.20 11.79
C THR B 55 -40.34 -7.71 11.15
N VAL B 56 -41.44 -8.30 11.57
CA VAL B 56 -42.75 -7.95 11.06
C VAL B 56 -42.95 -6.44 10.85
N ASP B 57 -42.55 -5.63 11.82
CA ASP B 57 -42.69 -4.18 11.74
C ASP B 57 -41.83 -3.57 10.63
N ASP B 58 -40.56 -3.97 10.59
CA ASP B 58 -39.62 -3.45 9.62
C ASP B 58 -40.05 -3.48 8.14
N LEU B 59 -40.94 -4.39 7.78
CA LEU B 59 -41.36 -4.51 6.39
C LEU B 59 -42.83 -4.86 6.11
N LEU B 60 -43.11 -4.99 4.83
CA LEU B 60 -44.45 -5.29 4.37
C LEU B 60 -44.37 -5.78 2.93
N VAL B 61 -45.08 -6.87 2.63
CA VAL B 61 -45.09 -7.47 1.28
C VAL B 61 -46.09 -6.77 0.37
N ARG B 62 -45.96 -7.02 -0.92
CA ARG B 62 -46.85 -6.42 -1.89
C ARG B 62 -47.13 -7.42 -2.98
N ILE B 63 -48.34 -7.99 -3.01
CA ILE B 63 -48.67 -8.98 -4.04
C ILE B 63 -49.46 -8.46 -5.24
N GLY B 64 -49.39 -9.21 -6.33
CA GLY B 64 -50.08 -8.79 -7.54
C GLY B 64 -49.47 -7.49 -8.01
N LYS B 65 -48.30 -7.58 -8.66
CA LYS B 65 -47.61 -6.41 -9.19
C LYS B 65 -47.04 -6.67 -10.58
N HIS B 66 -46.08 -5.85 -10.97
CA HIS B 66 -45.44 -5.96 -12.28
C HIS B 66 -44.39 -4.89 -12.36
N SER B 67 -44.82 -3.66 -12.11
CA SER B 67 -43.93 -2.52 -12.10
C SER B 67 -43.44 -2.37 -10.66
N ARG B 68 -42.13 -2.36 -10.49
CA ARG B 68 -41.54 -2.23 -9.18
C ARG B 68 -41.63 -0.79 -8.75
N THR B 69 -41.72 0.10 -9.73
CA THR B 69 -41.79 1.52 -9.48
C THR B 69 -43.07 1.96 -8.81
N ARG B 70 -43.99 2.48 -9.62
CA ARG B 70 -45.27 3.02 -9.18
C ARG B 70 -46.25 2.07 -8.52
N TYR B 71 -47.13 2.64 -7.70
CA TYR B 71 -48.16 1.90 -7.01
C TYR B 71 -49.25 1.58 -8.02
N GLU B 72 -49.77 0.36 -7.95
CA GLU B 72 -50.78 -0.09 -8.88
C GLU B 72 -52.11 -0.34 -8.20
N ARG B 73 -52.80 0.73 -7.81
CA ARG B 73 -54.09 0.65 -7.13
C ARG B 73 -55.04 -0.35 -7.75
N LYS B 74 -55.10 -0.40 -9.06
CA LYS B 74 -56.01 -1.33 -9.71
C LYS B 74 -55.83 -2.80 -9.29
N VAL B 75 -54.58 -3.26 -9.20
CA VAL B 75 -54.28 -4.65 -8.86
C VAL B 75 -53.46 -4.90 -7.60
N GLU B 76 -52.59 -3.95 -7.27
CA GLU B 76 -51.70 -4.06 -6.12
C GLU B 76 -52.36 -4.06 -4.74
N LYS B 77 -52.06 -5.09 -3.96
CA LYS B 77 -52.59 -5.20 -2.61
C LYS B 77 -51.38 -5.18 -1.67
N ILE B 78 -51.40 -4.31 -0.67
CA ILE B 78 -50.28 -4.20 0.28
C ILE B 78 -50.67 -4.84 1.62
N SER B 79 -49.86 -5.75 2.14
CA SER B 79 -50.23 -6.36 3.41
C SER B 79 -49.11 -6.47 4.43
N MET B 80 -49.48 -6.29 5.70
CA MET B 80 -48.53 -6.33 6.81
C MET B 80 -48.40 -7.73 7.37
N LEU B 81 -47.20 -8.08 7.82
CA LEU B 81 -46.88 -9.40 8.37
C LEU B 81 -47.24 -9.60 9.84
N ASP B 82 -47.93 -10.71 10.13
CA ASP B 82 -48.34 -10.99 11.50
C ASP B 82 -47.18 -11.63 12.25
N LYS B 83 -46.84 -12.86 11.89
CA LYS B 83 -45.73 -13.55 12.53
C LYS B 83 -44.74 -13.98 11.47
N ILE B 84 -43.48 -14.13 11.84
CA ILE B 84 -42.44 -14.53 10.89
C ILE B 84 -41.84 -15.89 11.25
N TYR B 85 -41.60 -16.72 10.25
CA TYR B 85 -41.07 -18.04 10.48
C TYR B 85 -39.76 -18.41 9.76
N ILE B 86 -38.65 -18.37 10.49
CA ILE B 86 -37.38 -18.76 9.89
C ILE B 86 -37.15 -20.17 10.35
N HIS B 87 -36.35 -20.91 9.61
CA HIS B 87 -36.06 -22.31 9.91
C HIS B 87 -35.07 -22.49 11.05
N PRO B 88 -35.34 -23.42 11.98
CA PRO B 88 -34.44 -23.64 13.10
C PRO B 88 -33.06 -23.99 12.61
N ARG B 89 -32.92 -25.19 12.06
CA ARG B 89 -31.66 -25.68 11.54
C ARG B 89 -31.12 -24.87 10.36
N TYR B 90 -31.42 -23.58 10.34
CA TYR B 90 -30.96 -22.69 9.27
C TYR B 90 -29.51 -22.31 9.59
N ASN B 91 -28.60 -22.66 8.69
CA ASN B 91 -27.18 -22.40 8.90
C ASN B 91 -26.60 -21.29 8.01
N TRP B 92 -26.38 -20.13 8.60
CA TRP B 92 -25.83 -19.00 7.85
C TRP B 92 -24.34 -18.82 8.13
N LYS B 93 -23.95 -19.09 9.38
CA LYS B 93 -22.57 -18.96 9.79
C LYS B 93 -21.65 -19.53 8.75
N GLU B 94 -22.12 -20.61 8.12
CA GLU B 94 -21.32 -21.30 7.14
C GLU B 94 -21.80 -21.37 5.70
N ASN B 95 -23.01 -21.88 5.46
CA ASN B 95 -23.45 -22.02 4.07
C ASN B 95 -24.91 -21.84 3.65
N LEU B 96 -25.75 -21.19 4.45
CA LEU B 96 -27.16 -20.99 4.08
C LEU B 96 -27.94 -22.30 3.86
N ASP B 97 -27.99 -23.10 4.91
CA ASP B 97 -28.67 -24.38 4.87
C ASP B 97 -30.07 -24.09 5.42
N ARG B 98 -31.07 -24.80 4.90
CA ARG B 98 -32.46 -24.62 5.31
C ARG B 98 -32.85 -23.14 5.17
N ASP B 99 -32.36 -22.54 4.08
CA ASP B 99 -32.62 -21.13 3.77
C ASP B 99 -34.04 -20.97 3.24
N ILE B 100 -35.02 -21.02 4.14
CA ILE B 100 -36.42 -20.92 3.77
C ILE B 100 -37.14 -20.26 4.94
N ALA B 101 -38.18 -19.48 4.64
CA ALA B 101 -38.95 -18.80 5.69
C ALA B 101 -40.43 -18.64 5.34
N LEU B 102 -41.27 -18.74 6.36
CA LEU B 102 -42.73 -18.59 6.21
C LEU B 102 -43.24 -17.28 6.80
N LEU B 103 -44.11 -16.62 6.05
CA LEU B 103 -44.68 -15.35 6.48
C LEU B 103 -46.21 -15.42 6.54
N LYS B 104 -46.77 -15.04 7.69
CA LYS B 104 -48.21 -15.08 7.91
C LYS B 104 -48.81 -13.69 7.88
N LEU B 105 -49.48 -13.39 6.77
CA LEU B 105 -50.13 -12.10 6.53
C LEU B 105 -51.09 -11.68 7.63
N LYS B 106 -50.94 -10.45 8.10
CA LYS B 106 -51.78 -9.91 9.16
C LYS B 106 -53.29 -10.09 8.88
N ARG B 107 -53.68 -10.05 7.61
CA ARG B 107 -55.07 -10.22 7.23
C ARG B 107 -55.14 -11.01 5.92
N PRO B 108 -56.01 -12.03 5.85
CA PRO B 108 -56.11 -12.82 4.63
C PRO B 108 -56.54 -11.94 3.46
N ILE B 109 -55.85 -12.05 2.34
CA ILE B 109 -56.15 -11.24 1.18
C ILE B 109 -57.14 -11.83 0.17
N GLU B 110 -57.79 -10.97 -0.59
CA GLU B 110 -58.75 -11.42 -1.59
C GLU B 110 -58.05 -11.67 -2.90
N LEU B 111 -58.14 -12.90 -3.39
CA LEU B 111 -57.47 -13.24 -4.63
C LEU B 111 -58.16 -12.64 -5.84
N SER B 112 -57.39 -11.96 -6.68
CA SER B 112 -57.90 -11.36 -7.90
C SER B 112 -57.21 -12.10 -9.04
N ASP B 113 -57.42 -11.66 -10.28
CA ASP B 113 -56.79 -12.31 -11.42
C ASP B 113 -55.29 -12.10 -11.37
N TYR B 114 -54.81 -11.49 -10.29
CA TYR B 114 -53.40 -11.17 -10.17
C TYR B 114 -52.76 -11.62 -8.89
N ILE B 115 -53.56 -12.11 -7.97
CA ILE B 115 -53.05 -12.57 -6.68
C ILE B 115 -53.51 -13.99 -6.42
N HIS B 116 -53.04 -14.92 -7.23
CA HIS B 116 -53.41 -16.31 -7.07
C HIS B 116 -52.22 -17.07 -6.49
N PRO B 117 -52.47 -18.08 -5.64
CA PRO B 117 -51.40 -18.87 -5.02
C PRO B 117 -50.81 -19.95 -5.89
N VAL B 118 -49.66 -20.46 -5.46
CA VAL B 118 -48.94 -21.50 -6.18
C VAL B 118 -49.06 -22.80 -5.40
N CYS B 119 -48.71 -23.90 -6.05
CA CYS B 119 -48.77 -25.19 -5.39
C CYS B 119 -47.40 -25.62 -4.88
N LEU B 120 -47.39 -26.48 -3.87
CA LEU B 120 -46.14 -26.98 -3.33
C LEU B 120 -45.82 -28.34 -3.95
N PRO B 121 -44.56 -28.57 -4.35
CA PRO B 121 -44.16 -29.84 -4.95
C PRO B 121 -44.87 -30.98 -4.26
N ASP B 122 -45.11 -32.03 -5.03
CA ASP B 122 -45.81 -33.22 -4.57
C ASP B 122 -44.86 -34.39 -4.36
N LYS B 123 -45.16 -35.21 -3.36
CA LYS B 123 -44.35 -36.39 -3.05
C LYS B 123 -44.02 -37.25 -4.27
N GLN B 124 -44.90 -37.17 -5.27
CA GLN B 124 -44.74 -37.92 -6.51
C GLN B 124 -44.31 -36.96 -7.61
N THR B 125 -44.91 -35.77 -7.62
CA THR B 125 -44.60 -34.73 -8.62
C THR B 125 -43.18 -34.25 -8.39
N ALA B 126 -42.71 -34.40 -7.17
CA ALA B 126 -41.35 -34.00 -6.82
C ALA B 126 -40.41 -34.87 -7.67
N ALA B 127 -40.60 -36.19 -7.59
CA ALA B 127 -39.78 -37.13 -8.33
C ALA B 127 -40.01 -36.99 -9.84
N LYS B 128 -41.24 -37.20 -10.28
CA LYS B 128 -41.58 -37.08 -11.69
C LYS B 128 -40.91 -35.88 -12.36
N LEU B 129 -40.80 -34.75 -11.63
CA LEU B 129 -40.24 -33.52 -12.20
C LEU B 129 -38.80 -33.07 -11.81
N LEU B 130 -38.41 -33.23 -10.56
CA LEU B 130 -37.06 -32.82 -10.17
C LEU B 130 -35.97 -33.73 -10.70
N HIS B 131 -35.69 -33.64 -12.00
CA HIS B 131 -34.63 -34.45 -12.62
C HIS B 131 -33.72 -33.55 -13.44
N ALA B 132 -32.41 -33.73 -13.25
CA ALA B 132 -31.41 -32.94 -13.97
C ALA B 132 -31.78 -32.92 -15.45
N GLY B 133 -31.85 -31.74 -16.03
CA GLY B 133 -32.20 -31.63 -17.43
C GLY B 133 -33.46 -30.81 -17.60
N PHE B 134 -34.42 -31.03 -16.71
CA PHE B 134 -35.67 -30.30 -16.75
C PHE B 134 -35.51 -28.82 -16.41
N LYS B 135 -36.29 -27.97 -17.09
CA LYS B 135 -36.23 -26.53 -16.87
C LYS B 135 -37.34 -26.03 -15.95
N GLY B 136 -36.98 -25.14 -15.02
CA GLY B 136 -37.94 -24.56 -14.10
C GLY B 136 -38.12 -23.08 -14.42
N ARG B 137 -38.84 -22.34 -13.59
CA ARG B 137 -39.01 -20.92 -13.87
C ARG B 137 -38.69 -20.04 -12.67
N VAL B 138 -37.85 -19.04 -12.91
CA VAL B 138 -37.43 -18.11 -11.87
C VAL B 138 -37.89 -16.70 -12.19
N THR B 139 -38.44 -16.02 -11.20
CA THR B 139 -38.92 -14.66 -11.39
C THR B 139 -38.54 -13.75 -10.22
N GLY B 140 -38.30 -12.48 -10.54
CA GLY B 140 -37.93 -11.52 -9.53
C GLY B 140 -37.54 -10.17 -10.11
N TRP B 141 -37.27 -9.23 -9.20
CA TRP B 141 -36.86 -7.88 -9.57
C TRP B 141 -35.39 -7.65 -9.14
N GLY B 142 -34.57 -8.69 -9.27
CA GLY B 142 -33.17 -8.60 -8.89
C GLY B 142 -32.26 -7.90 -9.87
N ASN B 143 -30.96 -7.80 -9.53
CA ASN B 143 -29.97 -7.14 -10.39
C ASN B 143 -30.05 -7.59 -11.82
N ARG B 144 -30.19 -6.65 -12.73
CA ARG B 144 -30.31 -7.00 -14.13
C ARG B 144 -29.09 -7.76 -14.66
N ARG B 145 -27.95 -7.62 -13.98
CA ARG B 145 -26.69 -8.26 -14.39
C ARG B 145 -25.65 -8.05 -13.30
N GLU B 146 -24.46 -8.64 -13.47
CA GLU B 146 -23.36 -8.50 -12.50
C GLU B 146 -22.54 -7.26 -12.83
N THR B 147 -22.15 -6.51 -11.80
CA THR B 147 -21.41 -5.27 -12.00
C THR B 147 -20.12 -5.10 -11.21
N TRP B 148 -19.05 -4.69 -11.89
CA TRP B 148 -17.79 -4.45 -11.18
C TRP B 148 -18.09 -3.23 -10.30
N THR B 149 -19.10 -2.46 -10.73
CA THR B 149 -19.56 -1.25 -10.04
C THR B 149 -20.20 -1.68 -8.73
N THR B 150 -19.42 -2.39 -7.94
CA THR B 150 -19.85 -2.84 -6.64
C THR B 150 -20.20 -1.54 -5.91
N SER B 151 -20.55 -1.63 -4.63
CA SER B 151 -20.89 -0.43 -3.87
C SER B 151 -22.05 0.33 -4.51
N VAL B 152 -22.90 -0.38 -5.22
CA VAL B 152 -24.07 0.20 -5.86
C VAL B 152 -25.10 -0.91 -6.07
N ALA B 153 -26.36 -0.61 -5.75
CA ALA B 153 -27.42 -1.61 -5.88
C ALA B 153 -28.34 -1.37 -7.06
N GLU B 154 -29.16 -0.31 -6.96
CA GLU B 154 -30.12 0.05 -7.99
C GLU B 154 -29.69 -0.32 -9.40
N VAL B 155 -29.88 -1.59 -9.74
CA VAL B 155 -29.54 -2.11 -11.05
C VAL B 155 -30.62 -3.12 -11.45
N GLN B 156 -31.85 -2.88 -10.98
CA GLN B 156 -32.96 -3.79 -11.27
C GLN B 156 -33.80 -3.32 -12.43
N PRO B 157 -34.62 -4.23 -12.98
CA PRO B 157 -35.50 -3.92 -14.10
C PRO B 157 -36.61 -3.04 -13.56
N SER B 158 -37.56 -2.70 -14.42
CA SER B 158 -38.70 -1.87 -14.03
C SER B 158 -39.92 -2.73 -13.80
N VAL B 159 -40.04 -3.76 -14.64
CA VAL B 159 -41.14 -4.72 -14.60
C VAL B 159 -40.61 -6.04 -14.05
N LEU B 160 -41.51 -6.96 -13.75
CA LEU B 160 -41.10 -8.27 -13.22
C LEU B 160 -40.37 -9.06 -14.30
N GLN B 161 -39.31 -9.77 -13.89
CA GLN B 161 -38.48 -10.55 -14.80
C GLN B 161 -38.74 -12.05 -14.69
N VAL B 162 -38.52 -12.77 -15.79
CA VAL B 162 -38.71 -14.22 -15.79
C VAL B 162 -37.65 -14.92 -16.63
N VAL B 163 -37.06 -15.96 -16.06
CA VAL B 163 -36.03 -16.74 -16.74
C VAL B 163 -36.24 -18.20 -16.39
N ASN B 164 -36.16 -19.07 -17.40
CA ASN B 164 -36.35 -20.50 -17.22
C ASN B 164 -34.99 -21.23 -17.23
N LEU B 165 -34.61 -21.75 -16.07
CA LEU B 165 -33.34 -22.43 -15.88
C LEU B 165 -33.41 -23.94 -15.63
N PRO B 166 -32.60 -24.73 -16.36
CA PRO B 166 -32.56 -26.19 -16.23
C PRO B 166 -31.82 -26.66 -14.96
N LEU B 167 -32.23 -27.82 -14.43
CA LEU B 167 -31.64 -28.39 -13.24
C LEU B 167 -30.32 -29.09 -13.51
N VAL B 168 -29.38 -28.91 -12.59
CA VAL B 168 -28.05 -29.51 -12.69
C VAL B 168 -27.97 -30.69 -11.73
N GLU B 169 -27.18 -31.70 -12.09
CA GLU B 169 -27.02 -32.89 -11.26
C GLU B 169 -26.03 -32.71 -10.12
N ARG B 170 -26.45 -33.19 -8.95
CA ARG B 170 -25.70 -33.13 -7.69
C ARG B 170 -24.17 -33.05 -7.81
N PRO B 171 -23.55 -34.00 -8.52
CA PRO B 171 -22.09 -33.96 -8.66
C PRO B 171 -21.57 -32.57 -9.03
N VAL B 172 -21.95 -32.13 -10.23
CA VAL B 172 -21.56 -30.83 -10.76
C VAL B 172 -21.77 -29.74 -9.72
N CYS B 173 -23.01 -29.55 -9.31
CA CYS B 173 -23.36 -28.54 -8.32
C CYS B 173 -22.29 -28.46 -7.23
N LYS B 174 -22.07 -29.56 -6.53
CA LYS B 174 -21.08 -29.64 -5.45
C LYS B 174 -19.68 -29.29 -5.96
N ALA B 175 -19.34 -29.85 -7.12
CA ALA B 175 -18.05 -29.64 -7.76
C ALA B 175 -17.72 -28.18 -8.04
N SER B 176 -18.65 -27.49 -8.68
CA SER B 176 -18.49 -26.07 -9.03
C SER B 176 -18.37 -25.13 -7.84
N THR B 177 -18.07 -25.66 -6.66
CA THR B 177 -17.97 -24.81 -5.48
C THR B 177 -17.06 -25.33 -4.38
N ARG B 178 -16.62 -24.40 -3.54
CA ARG B 178 -15.78 -24.73 -2.40
C ARG B 178 -16.66 -24.55 -1.17
N ILE B 179 -17.95 -24.32 -1.43
CA ILE B 179 -18.93 -24.13 -0.38
C ILE B 179 -19.67 -25.46 -0.27
N ARG B 180 -19.82 -25.94 0.97
CA ARG B 180 -20.47 -27.21 1.22
C ARG B 180 -21.96 -27.23 0.86
N ILE B 181 -22.34 -28.23 0.07
CA ILE B 181 -23.72 -28.42 -0.38
C ILE B 181 -24.52 -29.36 0.54
N THR B 182 -25.84 -29.32 0.42
CA THR B 182 -26.69 -30.18 1.25
C THR B 182 -27.91 -30.61 0.47
N ASP B 183 -28.43 -31.80 0.80
CA ASP B 183 -29.62 -32.33 0.14
C ASP B 183 -30.79 -31.35 0.27
N ASN B 184 -30.61 -30.33 1.10
CA ASN B 184 -31.64 -29.33 1.33
C ASN B 184 -31.47 -28.10 0.45
N MET B 185 -30.95 -28.32 -0.75
CA MET B 185 -30.73 -27.25 -1.72
C MET B 185 -30.30 -27.87 -3.06
N PHE B 186 -30.67 -27.22 -4.16
CA PHE B 186 -30.31 -27.71 -5.47
C PHE B 186 -29.76 -26.57 -6.31
N CYS B 187 -29.07 -26.91 -7.38
CA CYS B 187 -28.51 -25.87 -8.24
C CYS B 187 -29.05 -25.98 -9.64
N ALA B 188 -29.35 -24.84 -10.24
CA ALA B 188 -29.90 -24.80 -11.57
C ALA B 188 -29.15 -23.81 -12.46
N GLY B 189 -29.22 -24.05 -13.77
CA GLY B 189 -28.56 -23.16 -14.70
C GLY B 189 -28.09 -23.83 -15.97
N TYR B 190 -27.28 -23.11 -16.72
CA TYR B 190 -26.73 -23.60 -17.98
C TYR B 190 -25.24 -23.91 -17.85
N LYS B 191 -24.81 -25.03 -18.42
CA LYS B 191 -23.41 -25.44 -18.37
C LYS B 191 -22.63 -24.63 -19.39
N PRO B 192 -21.39 -24.20 -19.04
CA PRO B 192 -20.58 -23.40 -19.97
C PRO B 192 -20.59 -23.92 -21.40
N GLY B 193 -20.26 -25.20 -21.56
CA GLY B 193 -20.25 -25.80 -22.88
C GLY B 193 -21.54 -25.57 -23.64
N GLU B 194 -22.60 -25.18 -22.94
CA GLU B 194 -23.91 -24.95 -23.56
C GLU B 194 -24.01 -23.57 -24.18
N GLY B 195 -25.11 -23.34 -24.90
CA GLY B 195 -25.32 -22.08 -25.59
C GLY B 195 -26.03 -20.97 -24.82
N LYS B 196 -27.30 -21.20 -24.51
CA LYS B 196 -28.06 -20.20 -23.78
C LYS B 196 -27.39 -19.96 -22.44
N ARG B 197 -28.01 -19.10 -21.63
CA ARG B 197 -27.49 -18.79 -20.31
C ARG B 197 -28.51 -17.99 -19.54
N GLY B 198 -28.15 -17.61 -18.33
CA GLY B 198 -29.06 -16.85 -17.50
C GLY B 198 -28.81 -17.21 -16.07
N ASP B 199 -29.52 -16.55 -15.15
CA ASP B 199 -29.37 -16.81 -13.74
C ASP B 199 -30.19 -15.79 -12.96
N ALA B 200 -30.44 -16.06 -11.69
CA ALA B 200 -31.17 -15.14 -10.84
C ALA B 200 -30.00 -14.41 -10.24
N CYS B 201 -30.22 -13.25 -9.63
CA CYS B 201 -29.08 -12.54 -9.06
C CYS B 201 -29.38 -12.00 -7.69
N GLU B 202 -28.70 -10.94 -7.27
CA GLU B 202 -28.95 -10.40 -5.94
C GLU B 202 -30.30 -9.71 -5.90
N GLY B 203 -30.85 -9.60 -4.70
CA GLY B 203 -32.16 -8.98 -4.55
C GLY B 203 -33.18 -9.74 -5.38
N ASP B 204 -33.00 -11.05 -5.44
CA ASP B 204 -33.89 -11.95 -6.17
C ASP B 204 -34.35 -13.02 -5.21
N SER B 205 -33.46 -13.38 -4.29
CA SER B 205 -33.69 -14.42 -3.31
C SER B 205 -35.12 -14.92 -3.12
N GLY B 206 -35.76 -14.52 -2.02
CA GLY B 206 -37.13 -14.97 -1.74
C GLY B 206 -38.01 -15.57 -2.82
N GLY B 207 -37.87 -15.08 -4.06
CA GLY B 207 -38.64 -15.53 -5.20
C GLY B 207 -38.72 -17.01 -5.48
N PRO B 208 -39.74 -17.47 -6.24
CA PRO B 208 -39.92 -18.88 -6.55
C PRO B 208 -39.23 -19.45 -7.78
N PHE B 209 -39.03 -20.75 -7.72
CA PHE B 209 -38.44 -21.51 -8.80
C PHE B 209 -39.55 -22.51 -9.03
N VAL B 210 -40.44 -22.20 -9.96
CA VAL B 210 -41.54 -23.08 -10.23
C VAL B 210 -41.32 -23.95 -11.44
N MET B 211 -42.21 -24.94 -11.56
CA MET B 211 -42.26 -25.90 -12.65
C MET B 211 -43.73 -26.18 -12.85
N LYS B 212 -44.11 -26.53 -14.08
CA LYS B 212 -45.51 -26.81 -14.41
C LYS B 212 -45.75 -28.28 -14.72
N SER B 213 -46.49 -28.96 -13.84
CA SER B 213 -46.77 -30.39 -14.00
C SER B 213 -47.60 -30.72 -15.23
N PRO B 214 -47.03 -31.50 -16.17
CA PRO B 214 -47.71 -31.90 -17.41
C PRO B 214 -48.88 -32.85 -17.13
N TYR B 215 -48.92 -33.39 -15.93
CA TYR B 215 -49.97 -34.31 -15.54
C TYR B 215 -51.16 -33.59 -14.92
N ASN B 216 -51.18 -32.27 -14.98
CA ASN B 216 -52.29 -31.50 -14.41
C ASN B 216 -52.12 -30.00 -14.55
N ASN B 217 -51.44 -29.57 -15.61
CA ASN B 217 -51.21 -28.15 -15.88
C ASN B 217 -51.26 -27.21 -14.68
N ARG B 218 -50.49 -27.51 -13.63
CA ARG B 218 -50.42 -26.66 -12.44
C ARG B 218 -48.97 -26.29 -12.14
N TRP B 219 -48.77 -25.14 -11.51
CA TRP B 219 -47.41 -24.72 -11.19
C TRP B 219 -47.07 -25.03 -9.74
N TYR B 220 -45.93 -25.70 -9.54
CA TYR B 220 -45.46 -26.08 -8.21
C TYR B 220 -44.15 -25.37 -7.98
N GLN B 221 -43.98 -24.76 -6.81
CA GLN B 221 -42.74 -24.06 -6.51
C GLN B 221 -41.73 -25.06 -5.98
N MET B 222 -40.86 -25.55 -6.86
CA MET B 222 -39.84 -26.51 -6.49
C MET B 222 -38.78 -25.92 -5.57
N GLY B 223 -38.36 -24.71 -5.88
CA GLY B 223 -37.36 -24.06 -5.07
C GLY B 223 -37.54 -22.56 -4.85
N ILE B 224 -36.70 -22.03 -3.96
CA ILE B 224 -36.64 -20.62 -3.59
C ILE B 224 -35.25 -20.13 -3.99
N VAL B 225 -35.13 -18.95 -4.59
CA VAL B 225 -33.79 -18.46 -4.93
C VAL B 225 -33.05 -18.17 -3.61
N SER B 226 -31.91 -18.81 -3.42
CA SER B 226 -31.16 -18.65 -2.18
C SER B 226 -29.81 -17.98 -2.25
N TRP B 227 -28.87 -18.62 -2.95
CA TRP B 227 -27.52 -18.04 -3.09
C TRP B 227 -26.82 -18.35 -4.41
N GLY B 228 -25.55 -17.98 -4.49
CA GLY B 228 -24.75 -18.22 -5.68
C GLY B 228 -23.47 -17.42 -5.55
N GLU B 229 -22.43 -17.79 -6.27
CA GLU B 229 -21.17 -17.05 -6.22
C GLU B 229 -21.12 -16.14 -7.45
N GLY B 230 -21.50 -14.89 -7.26
CA GLY B 230 -21.53 -13.94 -8.36
C GLY B 230 -22.92 -13.95 -8.97
N CYS B 231 -23.00 -14.00 -10.29
CA CYS B 231 -24.27 -14.06 -11.00
C CYS B 231 -24.04 -14.41 -12.45
N ASP B 232 -24.67 -15.49 -12.92
CA ASP B 232 -24.53 -15.88 -14.30
C ASP B 232 -23.07 -15.96 -14.72
N ARG B 233 -22.19 -16.19 -13.75
CA ARG B 233 -20.77 -16.31 -14.08
C ARG B 233 -20.63 -17.53 -14.94
N ASP B 234 -19.41 -17.89 -15.30
CA ASP B 234 -19.23 -19.05 -16.14
C ASP B 234 -18.51 -20.16 -15.40
N GLY B 235 -19.27 -21.17 -14.99
CA GLY B 235 -18.67 -22.27 -14.28
C GLY B 235 -19.41 -22.59 -13.02
N LYS B 236 -19.96 -21.56 -12.39
CA LYS B 236 -20.74 -21.73 -11.17
C LYS B 236 -22.22 -21.68 -11.54
N TYR B 237 -23.06 -22.22 -10.67
CA TYR B 237 -24.49 -22.24 -10.94
C TYR B 237 -25.23 -21.60 -9.79
N GLY B 238 -26.50 -21.27 -10.04
CA GLY B 238 -27.30 -20.63 -9.00
C GLY B 238 -27.92 -21.63 -8.07
N PHE B 239 -27.88 -21.36 -6.77
CA PHE B 239 -28.45 -22.28 -5.81
C PHE B 239 -29.77 -21.85 -5.18
N TYR B 240 -30.74 -22.75 -5.23
CA TYR B 240 -32.08 -22.52 -4.68
C TYR B 240 -32.33 -23.48 -3.53
N THR B 241 -33.35 -23.21 -2.74
CA THR B 241 -33.69 -24.07 -1.63
C THR B 241 -34.54 -25.20 -2.20
N HIS B 242 -34.29 -26.44 -1.78
CA HIS B 242 -35.06 -27.57 -2.25
C HIS B 242 -36.34 -27.52 -1.45
N VAL B 243 -37.35 -26.84 -1.99
CA VAL B 243 -38.61 -26.68 -1.29
C VAL B 243 -39.29 -27.98 -0.91
N PHE B 244 -39.39 -28.92 -1.84
CA PHE B 244 -40.07 -30.16 -1.48
C PHE B 244 -39.52 -30.82 -0.22
N ARG B 245 -38.21 -31.03 -0.21
CA ARG B 245 -37.53 -31.68 0.89
C ARG B 245 -37.82 -31.01 2.23
N LEU B 246 -38.21 -29.73 2.16
CA LEU B 246 -38.51 -28.94 3.35
C LEU B 246 -40.00 -28.91 3.66
N LYS B 247 -40.82 -29.38 2.71
CA LYS B 247 -42.28 -29.40 2.86
C LYS B 247 -42.69 -30.05 4.15
N LYS B 248 -41.78 -30.84 4.71
CA LYS B 248 -42.06 -31.51 5.97
C LYS B 248 -42.11 -30.43 7.06
N TRP B 249 -41.15 -29.51 7.01
CA TRP B 249 -41.07 -28.43 7.98
C TRP B 249 -42.28 -27.53 7.83
N ILE B 250 -42.49 -27.05 6.60
CA ILE B 250 -43.60 -26.16 6.26
C ILE B 250 -44.88 -26.62 6.95
N GLN B 251 -45.31 -27.82 6.62
CA GLN B 251 -46.50 -28.43 7.19
C GLN B 251 -46.40 -28.28 8.70
N LYS B 252 -45.36 -28.88 9.26
CA LYS B 252 -45.11 -28.85 10.68
C LYS B 252 -45.42 -27.49 11.31
N VAL B 253 -45.26 -26.41 10.54
CA VAL B 253 -45.48 -25.06 11.07
C VAL B 253 -46.79 -24.34 10.75
N ILE B 254 -47.45 -24.70 9.65
CA ILE B 254 -48.71 -24.05 9.30
C ILE B 254 -49.82 -24.67 10.14
N ASP B 255 -49.93 -26.00 10.05
CA ASP B 255 -50.92 -26.78 10.78
C ASP B 255 -50.48 -26.87 12.23
N ARG B 256 -49.94 -25.77 12.76
CA ARG B 256 -49.45 -25.73 14.12
C ARG B 256 -50.54 -25.84 15.19
N LEU B 257 -51.40 -24.82 15.28
CA LEU B 257 -52.47 -24.83 16.27
C LEU B 257 -53.33 -26.09 16.12
N GLY B 258 -53.17 -27.01 17.07
CA GLY B 258 -53.89 -28.27 17.05
C GLY B 258 -53.09 -29.29 17.83
N SER B 259 -51.84 -29.47 17.43
CA SER B 259 -50.92 -30.41 18.07
C SER B 259 -49.53 -29.78 18.22
N MET C 1 -13.95 -26.94 -27.45
CA MET C 1 -13.46 -27.41 -26.12
C MET C 1 -13.00 -26.24 -25.26
N ILE C 2 -11.98 -25.52 -25.75
CA ILE C 2 -11.43 -24.38 -25.04
C ILE C 2 -11.77 -23.06 -25.75
N VAL C 3 -12.79 -23.08 -26.61
CA VAL C 3 -13.24 -21.89 -27.33
C VAL C 3 -14.55 -21.34 -26.76
N THR C 4 -14.57 -20.03 -26.50
CA THR C 4 -15.74 -19.37 -25.96
C THR C 4 -16.12 -18.15 -26.79
N LYS C 5 -17.42 -17.88 -26.89
CA LYS C 5 -17.92 -16.74 -27.65
C LYS C 5 -18.40 -15.62 -26.70
N ASP C 6 -19.71 -15.41 -26.66
CA ASP C 6 -20.32 -14.39 -25.79
C ASP C 6 -19.70 -13.00 -25.90
N TYR C 7 -19.72 -12.41 -27.10
CA TYR C 7 -19.16 -11.08 -27.32
C TYR C 7 -20.23 -9.99 -27.16
N SER C 8 -20.78 -9.86 -25.96
CA SER C 8 -21.79 -8.84 -25.69
C SER C 8 -21.11 -7.49 -25.52
N LYS C 9 -20.28 -7.16 -26.49
CA LYS C 9 -19.53 -5.91 -26.50
C LYS C 9 -20.36 -4.81 -27.14
N GLU C 10 -20.57 -3.74 -26.38
CA GLU C 10 -21.33 -2.58 -26.84
C GLU C 10 -20.71 -1.34 -26.21
N SER C 11 -19.53 -1.55 -25.62
CA SER C 11 -18.78 -0.48 -24.95
C SER C 11 -18.09 0.43 -25.94
N ARG C 12 -18.02 1.72 -25.61
CA ARG C 12 -17.40 2.68 -26.49
C ARG C 12 -15.93 2.91 -26.14
N VAL C 13 -15.28 1.87 -25.62
CA VAL C 13 -13.86 1.95 -25.27
C VAL C 13 -13.06 1.18 -26.30
N ASN C 14 -12.15 1.86 -26.99
CA ASN C 14 -11.33 1.25 -28.02
C ASN C 14 -10.52 0.05 -27.56
N GLU C 15 -10.64 -1.05 -28.30
CA GLU C 15 -9.92 -2.27 -27.95
C GLU C 15 -8.45 -1.96 -27.77
N ASN C 16 -7.78 -1.56 -28.84
CA ASN C 16 -6.37 -1.23 -28.75
C ASN C 16 -6.22 0.04 -27.92
N SER C 17 -6.44 -0.11 -26.62
CA SER C 17 -6.32 0.99 -25.67
C SER C 17 -5.67 0.47 -24.42
N LYS C 18 -6.03 -0.76 -24.05
CA LYS C 18 -5.49 -1.40 -22.86
C LYS C 18 -4.00 -1.69 -22.99
N TYR C 19 -3.44 -1.40 -24.15
CA TYR C 19 -2.03 -1.64 -24.39
C TYR C 19 -1.23 -0.38 -24.13
N GLY C 20 -1.88 0.62 -23.55
CA GLY C 20 -1.22 1.88 -23.27
C GLY C 20 -0.23 1.79 -22.12
N THR C 21 0.03 2.94 -21.51
CA THR C 21 0.97 3.03 -20.40
C THR C 21 0.19 3.01 -19.09
N LEU C 22 0.29 1.90 -18.37
CA LEU C 22 -0.41 1.73 -17.10
C LEU C 22 -0.20 2.89 -16.14
N ILE C 23 -1.30 3.30 -15.50
CA ILE C 23 -1.30 4.40 -14.55
C ILE C 23 -0.54 4.07 -13.26
N SER C 24 0.27 5.01 -12.77
CA SER C 24 1.01 4.78 -11.52
C SER C 24 0.02 4.27 -10.46
N ASP C 25 0.28 3.09 -9.93
CA ASP C 25 -0.62 2.52 -8.94
C ASP C 25 -1.24 3.52 -7.97
N TRP C 26 -0.44 4.38 -7.36
CA TRP C 26 -0.98 5.35 -6.40
C TRP C 26 -2.02 6.28 -7.03
N TYR C 27 -1.72 6.79 -8.21
CA TYR C 27 -2.64 7.68 -8.89
C TYR C 27 -3.73 6.86 -9.57
N LEU C 28 -3.55 5.54 -9.58
CA LEU C 28 -4.52 4.65 -10.20
C LEU C 28 -5.72 4.45 -9.30
N LYS C 29 -5.49 3.86 -8.13
CA LYS C 29 -6.54 3.58 -7.15
C LYS C 29 -7.57 4.72 -7.06
N GLY C 30 -7.18 5.89 -7.53
CA GLY C 30 -8.05 7.04 -7.50
C GLY C 30 -8.92 7.13 -8.72
N ARG C 31 -8.31 7.04 -9.90
CA ARG C 31 -9.08 7.10 -11.15
C ARG C 31 -10.19 6.06 -11.09
N LEU C 32 -9.88 4.92 -10.49
CA LEU C 32 -10.86 3.83 -10.34
C LEU C 32 -12.10 4.35 -9.63
N THR C 33 -11.87 5.06 -8.52
CA THR C 33 -12.91 5.65 -7.71
C THR C 33 -13.69 6.66 -8.52
N SER C 34 -12.98 7.42 -9.33
CA SER C 34 -13.63 8.39 -10.18
C SER C 34 -14.65 7.54 -10.92
N LEU C 35 -14.16 6.65 -11.77
CA LEU C 35 -15.02 5.75 -12.54
C LEU C 35 -16.29 5.31 -11.80
N GLU C 36 -16.10 4.52 -10.75
CA GLU C 36 -17.21 4.05 -9.97
C GLU C 36 -18.17 5.21 -9.79
N SER C 37 -17.65 6.29 -9.22
CA SER C 37 -18.47 7.47 -8.96
C SER C 37 -19.33 7.93 -10.11
N GLN C 38 -18.93 7.63 -11.34
CA GLN C 38 -19.72 8.02 -12.50
C GLN C 38 -20.87 7.04 -12.67
N PHE C 39 -20.58 5.76 -12.60
CA PHE C 39 -21.63 4.76 -12.73
C PHE C 39 -22.68 5.00 -11.65
N ILE C 40 -22.21 5.22 -10.43
CA ILE C 40 -23.10 5.46 -9.32
C ILE C 40 -24.08 6.54 -9.72
N ASN C 41 -23.53 7.70 -10.06
CA ASN C 41 -24.31 8.86 -10.47
C ASN C 41 -25.27 8.53 -11.63
N ALA C 42 -24.73 8.13 -12.77
CA ALA C 42 -25.53 7.78 -13.95
C ALA C 42 -26.73 6.88 -13.62
N LEU C 43 -26.47 5.77 -12.93
CA LEU C 43 -27.53 4.85 -12.57
C LEU C 43 -28.66 5.61 -11.91
N ASP C 44 -28.32 6.46 -10.94
CA ASP C 44 -29.29 7.24 -10.22
C ASP C 44 -30.24 7.99 -11.14
N ILE C 45 -29.70 8.59 -12.18
CA ILE C 45 -30.55 9.32 -13.11
C ILE C 45 -31.77 8.48 -13.55
N LEU C 46 -31.68 7.17 -13.40
CA LEU C 46 -32.77 6.26 -13.76
C LEU C 46 -33.74 6.06 -12.62
N GLU C 47 -33.20 5.70 -11.46
CA GLU C 47 -34.03 5.48 -10.29
C GLU C 47 -34.73 6.77 -9.91
N THR C 48 -34.54 7.80 -10.74
CA THR C 48 -35.20 9.06 -10.51
C THR C 48 -36.71 8.79 -10.70
N TYR C 49 -37.47 8.99 -9.61
CA TYR C 49 -38.91 8.76 -9.58
C TYR C 49 -39.67 9.36 -10.75
N HIS C 50 -39.33 10.60 -11.09
CA HIS C 50 -39.99 11.27 -12.19
C HIS C 50 -40.07 10.41 -13.46
N TYR C 51 -39.15 9.46 -13.63
CA TYR C 51 -39.15 8.65 -14.84
C TYR C 51 -39.96 7.37 -14.78
N GLY C 52 -40.45 7.03 -13.60
CA GLY C 52 -41.24 5.82 -13.44
C GLY C 52 -42.53 5.85 -14.23
N GLU C 53 -42.41 5.98 -15.55
CA GLU C 53 -43.57 6.04 -16.43
C GLU C 53 -43.37 5.11 -17.61
N LYS C 54 -44.45 4.85 -18.33
CA LYS C 54 -44.46 3.95 -19.49
C LYS C 54 -43.87 4.56 -20.76
N GLU C 55 -43.90 5.89 -20.86
CA GLU C 55 -43.38 6.57 -22.04
C GLU C 55 -41.85 6.69 -22.04
N TYR C 56 -41.28 6.70 -20.86
CA TYR C 56 -39.83 6.84 -20.70
C TYR C 56 -38.99 5.57 -20.95
N LYS C 57 -39.59 4.39 -20.74
CA LYS C 57 -38.86 3.12 -20.90
C LYS C 57 -37.91 3.04 -22.07
N ASP C 58 -38.44 3.06 -23.30
CA ASP C 58 -37.58 2.96 -24.47
C ASP C 58 -36.35 3.87 -24.40
N ALA C 59 -36.47 4.98 -23.67
CA ALA C 59 -35.35 5.92 -23.55
C ALA C 59 -34.49 5.63 -22.33
N LYS C 60 -35.01 4.83 -21.41
CA LYS C 60 -34.26 4.45 -20.20
C LYS C 60 -33.46 3.17 -20.53
N ASP C 61 -34.05 2.29 -21.32
CA ASP C 61 -33.36 1.08 -21.72
C ASP C 61 -32.11 1.58 -22.41
N LYS C 62 -32.30 2.51 -23.33
CA LYS C 62 -31.20 3.09 -24.08
C LYS C 62 -30.01 3.36 -23.17
N LEU C 63 -30.21 4.18 -22.14
CA LEU C 63 -29.13 4.52 -21.21
C LEU C 63 -28.61 3.26 -20.53
N MET C 64 -29.48 2.63 -19.74
CA MET C 64 -29.16 1.40 -19.02
C MET C 64 -28.17 0.54 -19.81
N THR C 65 -28.44 0.37 -21.09
CA THR C 65 -27.60 -0.42 -21.97
C THR C 65 -26.23 0.26 -22.03
N ARG C 66 -26.22 1.52 -22.46
CA ARG C 66 -24.98 2.28 -22.55
C ARG C 66 -24.14 2.12 -21.30
N ILE C 67 -24.79 2.08 -20.15
CA ILE C 67 -24.11 1.96 -18.87
C ILE C 67 -23.55 0.59 -18.54
N LEU C 68 -24.22 -0.46 -19.03
CA LEU C 68 -23.77 -1.83 -18.78
C LEU C 68 -22.66 -2.25 -19.73
N GLY C 69 -22.79 -1.80 -20.99
CA GLY C 69 -21.78 -2.11 -21.99
C GLY C 69 -20.42 -1.61 -21.56
N GLU C 70 -20.43 -0.50 -20.82
CA GLU C 70 -19.20 0.09 -20.32
C GLU C 70 -18.77 -0.71 -19.11
N ASP C 71 -19.69 -0.94 -18.18
CA ASP C 71 -19.36 -1.73 -17.00
C ASP C 71 -18.87 -3.11 -17.39
N GLN C 72 -19.47 -3.69 -18.42
CA GLN C 72 -19.05 -5.00 -18.87
C GLN C 72 -17.55 -4.92 -19.11
N TYR C 73 -17.14 -3.98 -19.96
CA TYR C 73 -15.71 -3.79 -20.25
C TYR C 73 -14.89 -4.01 -18.99
N LEU C 74 -15.01 -3.06 -18.05
CA LEU C 74 -14.25 -3.13 -16.82
C LEU C 74 -14.33 -4.51 -16.17
N LEU C 75 -15.51 -5.12 -16.15
CA LEU C 75 -15.61 -6.44 -15.56
C LEU C 75 -14.65 -7.36 -16.31
N GLU C 76 -14.89 -7.55 -17.61
CA GLU C 76 -14.04 -8.39 -18.44
C GLU C 76 -12.57 -8.08 -18.15
N ARG C 77 -12.27 -6.81 -17.87
CA ARG C 77 -10.91 -6.38 -17.58
C ARG C 77 -10.42 -7.04 -16.30
N LYS C 78 -11.20 -6.90 -15.24
CA LYS C 78 -10.87 -7.49 -13.95
C LYS C 78 -10.89 -9.01 -14.07
N LYS C 79 -11.94 -9.54 -14.68
CA LYS C 79 -12.07 -10.99 -14.84
C LYS C 79 -10.85 -11.59 -15.56
N VAL C 80 -10.20 -10.78 -16.39
CA VAL C 80 -9.01 -11.24 -17.12
C VAL C 80 -7.79 -11.03 -16.26
N GLN C 81 -7.68 -9.82 -15.72
CA GLN C 81 -6.56 -9.46 -14.87
C GLN C 81 -6.33 -10.43 -13.73
N TYR C 82 -7.40 -10.94 -13.13
CA TYR C 82 -7.28 -11.89 -12.03
C TYR C 82 -6.56 -13.16 -12.48
N GLU C 83 -7.00 -13.74 -13.59
CA GLU C 83 -6.41 -14.97 -14.11
C GLU C 83 -4.90 -14.86 -14.22
N GLU C 84 -4.43 -13.65 -14.50
CA GLU C 84 -3.00 -13.37 -14.64
C GLU C 84 -2.39 -13.07 -13.28
N TYR C 85 -3.23 -12.78 -12.31
CA TYR C 85 -2.80 -12.49 -10.96
C TYR C 85 -2.54 -13.81 -10.24
N LYS C 86 -3.49 -14.73 -10.38
CA LYS C 86 -3.39 -16.05 -9.78
C LYS C 86 -2.01 -16.64 -10.09
N LYS C 87 -1.73 -16.74 -11.38
CA LYS C 87 -0.45 -17.26 -11.83
C LYS C 87 0.71 -16.58 -11.11
N LEU C 88 0.90 -15.28 -11.35
CA LEU C 88 2.01 -14.58 -10.70
C LEU C 88 1.95 -14.62 -9.17
N TYR C 89 1.00 -15.36 -8.62
CA TYR C 89 0.90 -15.52 -7.17
C TYR C 89 1.47 -16.89 -6.89
N GLN C 90 1.15 -17.81 -7.79
CA GLN C 90 1.64 -19.18 -7.70
C GLN C 90 3.16 -19.09 -7.79
N LYS C 91 3.64 -18.51 -8.90
CA LYS C 91 5.07 -18.36 -9.12
C LYS C 91 5.67 -17.54 -7.99
N TYR C 92 4.82 -17.03 -7.10
CA TYR C 92 5.29 -16.26 -5.98
C TYR C 92 5.54 -17.20 -4.80
N LYS C 93 4.68 -18.19 -4.67
CA LYS C 93 4.82 -19.18 -3.60
C LYS C 93 6.07 -20.03 -3.84
N GLU C 94 6.30 -20.40 -5.09
CA GLU C 94 7.45 -21.21 -5.48
C GLU C 94 8.69 -20.34 -5.46
N GLU C 95 8.88 -19.65 -4.33
CA GLU C 95 9.99 -18.75 -4.08
C GLU C 95 9.98 -18.42 -2.60
N ASN C 96 8.79 -18.52 -2.01
CA ASN C 96 8.61 -18.25 -0.59
C ASN C 96 7.82 -19.36 0.09
N PRO C 97 8.51 -20.21 0.85
CA PRO C 97 7.79 -21.28 1.53
C PRO C 97 6.83 -20.60 2.49
N THR C 98 7.20 -19.39 2.90
CA THR C 98 6.39 -18.60 3.85
C THR C 98 5.17 -17.97 3.19
N SER C 99 4.09 -18.76 3.12
CA SER C 99 2.85 -18.31 2.54
C SER C 99 2.17 -17.43 3.58
N LYS C 100 2.99 -16.62 4.27
CA LYS C 100 2.47 -15.72 5.29
C LYS C 100 1.30 -14.96 4.69
N LEU C 101 1.42 -14.65 3.40
CA LEU C 101 0.39 -13.91 2.67
C LEU C 101 -0.62 -14.84 2.00
N LYS C 102 -1.87 -14.38 1.89
CA LYS C 102 -2.93 -15.17 1.30
C LYS C 102 -3.40 -14.59 -0.05
N LEU C 103 -3.92 -15.46 -0.91
CA LEU C 103 -4.41 -15.06 -2.22
C LEU C 103 -5.75 -14.34 -2.08
N LYS C 104 -5.94 -13.26 -2.82
CA LYS C 104 -7.17 -12.47 -2.78
C LYS C 104 -8.22 -13.08 -3.70
N THR C 105 -9.47 -13.08 -3.27
CA THR C 105 -10.52 -13.63 -4.11
C THR C 105 -10.95 -12.62 -5.16
N PHE C 106 -11.61 -13.11 -6.20
CA PHE C 106 -12.09 -12.25 -7.28
C PHE C 106 -12.75 -11.01 -6.74
N ASP C 107 -13.46 -11.17 -5.62
CA ASP C 107 -14.18 -10.08 -4.98
C ASP C 107 -13.30 -9.11 -4.19
N GLN C 108 -12.06 -9.52 -3.90
CA GLN C 108 -11.11 -8.68 -3.15
C GLN C 108 -10.19 -8.00 -4.15
N TYR C 109 -9.82 -8.76 -5.18
CA TYR C 109 -8.94 -8.27 -6.21
C TYR C 109 -9.51 -7.01 -6.86
N THR C 110 -8.64 -6.04 -7.14
CA THR C 110 -9.06 -4.80 -7.76
C THR C 110 -8.30 -4.69 -9.09
N ILE C 111 -8.71 -3.79 -9.98
CA ILE C 111 -8.02 -3.65 -11.26
C ILE C 111 -6.65 -3.01 -11.10
N GLU C 112 -5.62 -3.60 -11.71
CA GLU C 112 -4.29 -3.03 -11.57
C GLU C 112 -3.63 -2.62 -12.87
N ASP C 113 -4.32 -2.87 -13.98
CA ASP C 113 -3.77 -2.50 -15.27
C ASP C 113 -4.80 -1.63 -15.99
N LEU C 114 -4.76 -0.32 -15.75
CA LEU C 114 -5.72 0.55 -16.40
C LEU C 114 -5.04 1.75 -17.04
N THR C 115 -4.95 1.73 -18.36
CA THR C 115 -4.33 2.86 -19.03
C THR C 115 -5.24 4.06 -18.92
N MET C 116 -4.72 5.22 -19.29
CA MET C 116 -5.50 6.45 -19.23
C MET C 116 -6.34 6.51 -20.48
N ARG C 117 -5.80 5.97 -21.57
CA ARG C 117 -6.53 5.93 -22.83
C ARG C 117 -7.87 5.27 -22.49
N GLU C 118 -7.83 4.26 -21.63
CA GLU C 118 -9.03 3.53 -21.20
C GLU C 118 -9.97 4.39 -20.38
N TYR C 119 -9.46 4.97 -19.30
CA TYR C 119 -10.24 5.83 -18.40
C TYR C 119 -11.02 6.92 -19.12
N ASN C 120 -10.32 7.74 -19.88
CA ASN C 120 -10.96 8.82 -20.62
C ASN C 120 -12.11 8.27 -21.43
N GLU C 121 -11.80 7.32 -22.30
CA GLU C 121 -12.79 6.69 -23.18
C GLU C 121 -14.07 6.20 -22.52
N LEU C 122 -13.96 5.72 -21.28
CA LEU C 122 -15.11 5.24 -20.55
C LEU C 122 -15.97 6.43 -20.18
N THR C 123 -15.35 7.41 -19.52
CA THR C 123 -16.06 8.61 -19.10
C THR C 123 -16.64 9.38 -20.27
N GLU C 124 -15.91 9.43 -21.38
CA GLU C 124 -16.39 10.13 -22.55
C GLU C 124 -17.60 9.45 -23.17
N SER C 125 -17.91 8.26 -22.67
CA SER C 125 -19.06 7.49 -23.13
C SER C 125 -20.23 7.62 -22.17
N LEU C 126 -19.92 7.59 -20.88
CA LEU C 126 -20.95 7.76 -19.88
C LEU C 126 -21.34 9.22 -19.84
N LYS C 127 -20.35 10.13 -19.82
CA LYS C 127 -20.62 11.57 -19.79
C LYS C 127 -21.46 11.83 -21.01
N SER C 128 -21.20 11.03 -22.03
CA SER C 128 -21.90 11.10 -23.29
C SER C 128 -23.30 10.54 -23.11
N ALA C 129 -23.40 9.22 -23.04
CA ALA C 129 -24.68 8.50 -22.88
C ALA C 129 -25.73 9.29 -22.13
N VAL C 130 -25.31 9.90 -21.03
CA VAL C 130 -26.21 10.69 -20.22
C VAL C 130 -26.71 11.89 -20.99
N LYS C 131 -25.81 12.74 -21.48
CA LYS C 131 -26.25 13.89 -22.25
C LYS C 131 -27.23 13.39 -23.30
N ASP C 132 -27.02 12.17 -23.78
CA ASP C 132 -27.90 11.57 -24.76
C ASP C 132 -29.28 11.42 -24.13
N PHE C 133 -29.31 10.87 -22.92
CA PHE C 133 -30.55 10.67 -22.18
C PHE C 133 -31.34 11.99 -22.04
N GLU C 134 -30.72 12.99 -21.43
CA GLU C 134 -31.34 14.29 -21.23
C GLU C 134 -32.07 14.74 -22.49
N LYS C 135 -31.52 14.37 -23.64
CA LYS C 135 -32.13 14.71 -24.90
C LYS C 135 -33.40 13.91 -25.05
N ASP C 136 -33.27 12.58 -25.11
CA ASP C 136 -34.41 11.67 -25.24
C ASP C 136 -35.60 12.12 -24.42
N VAL C 137 -35.31 12.61 -23.22
CA VAL C 137 -36.34 13.08 -22.31
C VAL C 137 -36.94 14.44 -22.72
N GLU C 138 -36.10 15.47 -22.76
CA GLU C 138 -36.53 16.80 -23.14
C GLU C 138 -37.47 16.64 -24.31
N LYS C 139 -37.22 15.66 -25.16
CA LYS C 139 -38.07 15.41 -26.31
C LYS C 139 -39.40 14.81 -25.88
N ILE C 140 -39.36 13.64 -25.27
CA ILE C 140 -40.57 12.94 -24.84
C ILE C 140 -41.51 13.85 -24.06
N GLU C 141 -40.97 14.94 -23.53
CA GLU C 141 -41.78 15.88 -22.78
C GLU C 141 -42.47 16.94 -23.63
N ASN C 142 -41.85 17.36 -24.74
CA ASN C 142 -42.47 18.35 -25.62
C ASN C 142 -43.60 17.70 -26.39
N GLN C 143 -43.76 16.38 -26.20
CA GLN C 143 -44.79 15.60 -26.89
C GLN C 143 -45.81 14.97 -25.93
N HIS C 144 -45.62 15.19 -24.63
CA HIS C 144 -46.54 14.65 -23.63
C HIS C 144 -46.77 15.67 -22.53
N HIS C 145 -47.50 16.73 -22.88
CA HIS C 145 -47.86 17.87 -22.02
C HIS C 145 -47.75 17.77 -20.49
N ASP C 146 -48.58 16.92 -19.87
CA ASP C 146 -48.58 16.75 -18.41
C ASP C 146 -47.25 16.31 -17.85
N LEU C 147 -46.42 15.70 -18.70
CA LEU C 147 -45.10 15.23 -18.29
C LEU C 147 -44.07 16.34 -18.15
N LYS C 148 -44.21 17.42 -18.90
CA LYS C 148 -43.28 18.53 -18.80
C LYS C 148 -43.36 18.95 -17.35
N PRO C 149 -42.20 19.03 -16.66
CA PRO C 149 -42.07 19.41 -15.24
C PRO C 149 -42.62 20.77 -14.83
N PHE C 150 -43.01 20.88 -13.56
CA PHE C 150 -43.57 22.12 -13.04
C PHE C 150 -42.56 23.23 -12.87
N THR C 151 -43.00 24.31 -12.24
CA THR C 151 -42.17 25.48 -11.96
C THR C 151 -42.08 25.53 -10.43
N ASP C 152 -41.02 26.09 -9.88
CA ASP C 152 -40.93 26.13 -8.43
C ASP C 152 -42.28 26.53 -7.82
N GLU C 153 -43.03 27.40 -8.49
CA GLU C 153 -44.34 27.77 -7.96
C GLU C 153 -45.29 26.60 -8.20
N MET C 154 -45.53 26.30 -9.47
CA MET C 154 -46.40 25.20 -9.88
C MET C 154 -46.25 23.94 -9.03
N GLU C 155 -45.04 23.37 -9.03
CA GLU C 155 -44.75 22.17 -8.26
C GLU C 155 -45.18 22.38 -6.82
N GLU C 156 -44.98 23.57 -6.28
CA GLU C 156 -45.36 23.86 -4.92
C GLU C 156 -46.88 23.76 -4.79
N LYS C 157 -47.60 24.21 -5.81
CA LYS C 157 -49.05 24.17 -5.78
C LYS C 157 -49.54 22.74 -5.70
N ALA C 158 -49.08 21.89 -6.62
CA ALA C 158 -49.48 20.49 -6.60
C ALA C 158 -49.06 19.94 -5.24
N THR C 159 -47.78 19.62 -5.12
CA THR C 159 -47.21 19.12 -3.88
C THR C 159 -48.03 19.48 -2.68
N SER C 160 -48.45 20.75 -2.59
CA SER C 160 -49.24 21.21 -1.46
C SER C 160 -50.59 20.50 -1.38
N ARG C 161 -51.27 20.35 -2.52
CA ARG C 161 -52.56 19.66 -2.54
C ARG C 161 -52.33 18.29 -1.93
N VAL C 162 -51.54 17.48 -2.64
CA VAL C 162 -51.18 16.12 -2.24
C VAL C 162 -50.87 16.04 -0.76
N ASP C 163 -49.92 16.84 -0.30
CA ASP C 163 -49.54 16.81 1.09
C ASP C 163 -50.73 17.12 1.97
N ASP C 164 -51.63 17.98 1.52
CA ASP C 164 -52.79 18.27 2.35
C ASP C 164 -53.66 17.01 2.45
N LEU C 165 -54.08 16.52 1.29
CA LEU C 165 -54.91 15.32 1.18
C LEU C 165 -54.27 14.22 2.00
N ALA C 166 -52.98 14.03 1.81
CA ALA C 166 -52.23 13.03 2.55
C ALA C 166 -52.44 13.29 4.04
N ASN C 167 -52.14 14.51 4.48
CA ASN C 167 -52.31 14.84 5.88
C ASN C 167 -53.78 14.70 6.26
N LYS C 168 -54.66 14.67 5.26
CA LYS C 168 -56.08 14.53 5.51
C LYS C 168 -56.42 13.08 5.81
N ALA C 169 -55.58 12.16 5.32
CA ALA C 169 -55.77 10.73 5.56
C ALA C 169 -55.19 10.36 6.92
N TYR C 170 -54.07 11.00 7.27
CA TYR C 170 -53.44 10.76 8.56
C TYR C 170 -54.42 11.10 9.67
N SER C 171 -55.48 11.82 9.31
CA SER C 171 -56.49 12.18 10.28
C SER C 171 -57.30 10.91 10.44
N VAL C 172 -57.64 10.30 9.31
CA VAL C 172 -58.40 9.06 9.31
C VAL C 172 -57.61 8.00 10.08
N TYR C 173 -56.34 7.83 9.70
CA TYR C 173 -55.45 6.88 10.34
C TYR C 173 -55.52 7.04 11.85
N PHE C 174 -54.94 8.11 12.36
CA PHE C 174 -54.97 8.37 13.79
C PHE C 174 -56.36 8.10 14.36
N ALA C 175 -57.39 8.53 13.63
CA ALA C 175 -58.77 8.36 14.04
C ALA C 175 -59.14 6.92 14.42
N PHE C 176 -58.70 5.97 13.62
CA PHE C 176 -59.04 4.58 13.88
C PHE C 176 -57.93 3.65 14.30
N VAL C 177 -56.70 4.13 14.32
CA VAL C 177 -55.62 3.26 14.70
C VAL C 177 -55.85 2.81 16.15
N ARG C 178 -56.52 3.65 16.94
CA ARG C 178 -56.79 3.31 18.33
C ARG C 178 -58.07 2.47 18.43
N ASP C 179 -58.92 2.58 17.41
CA ASP C 179 -60.19 1.83 17.36
C ASP C 179 -59.81 0.36 17.25
N THR C 180 -59.77 -0.31 18.39
CA THR C 180 -59.39 -1.72 18.45
C THR C 180 -60.05 -2.58 17.36
N GLN C 181 -61.26 -2.21 16.96
CA GLN C 181 -61.99 -2.96 15.95
C GLN C 181 -61.47 -2.72 14.53
N HIS C 182 -60.73 -1.62 14.35
CA HIS C 182 -60.17 -1.27 13.04
C HIS C 182 -58.66 -0.99 13.07
N LYS C 183 -58.01 -1.29 14.19
CA LYS C 183 -56.57 -1.06 14.33
C LYS C 183 -55.77 -1.41 13.08
N THR C 184 -55.90 -2.65 12.62
CA THR C 184 -55.19 -3.10 11.44
C THR C 184 -55.44 -2.26 10.17
N GLU C 185 -56.68 -2.29 9.68
CA GLU C 185 -57.06 -1.57 8.46
C GLU C 185 -56.57 -0.12 8.48
N ALA C 186 -56.36 0.41 9.67
CA ALA C 186 -55.86 1.77 9.81
C ALA C 186 -54.39 1.67 9.44
N LEU C 187 -53.66 0.86 10.20
CA LEU C 187 -52.24 0.64 9.97
C LEU C 187 -51.93 0.42 8.50
N GLU C 188 -52.66 -0.46 7.84
CA GLU C 188 -52.39 -0.68 6.43
C GLU C 188 -52.56 0.62 5.65
N LEU C 189 -53.52 1.46 6.05
CA LEU C 189 -53.76 2.74 5.39
C LEU C 189 -52.48 3.58 5.53
N LYS C 190 -52.18 3.91 6.78
CA LYS C 190 -51.01 4.70 7.13
C LYS C 190 -49.76 4.20 6.43
N ALA C 191 -49.49 2.90 6.56
CA ALA C 191 -48.31 2.30 5.95
C ALA C 191 -48.37 2.34 4.42
N LYS C 192 -49.59 2.35 3.88
CA LYS C 192 -49.80 2.41 2.43
C LYS C 192 -49.59 3.82 1.88
N VAL C 193 -49.82 4.81 2.73
CA VAL C 193 -49.65 6.22 2.35
C VAL C 193 -48.15 6.51 2.34
N ASP C 194 -47.47 6.13 3.42
CA ASP C 194 -46.04 6.31 3.54
C ASP C 194 -45.39 5.71 2.33
N LEU C 195 -45.93 4.57 1.89
CA LEU C 195 -45.43 3.84 0.73
C LEU C 195 -45.44 4.68 -0.55
N VAL C 196 -46.60 5.27 -0.83
CA VAL C 196 -46.77 6.09 -2.03
C VAL C 196 -46.12 7.45 -1.85
N LEU C 197 -46.38 8.07 -0.71
CA LEU C 197 -45.85 9.39 -0.39
C LEU C 197 -44.33 9.51 -0.59
N GLY C 198 -43.60 8.44 -0.37
CA GLY C 198 -42.15 8.48 -0.55
C GLY C 198 -41.48 8.53 0.79
N ASP C 199 -40.17 8.35 0.82
CA ASP C 199 -39.48 8.38 2.09
C ASP C 199 -39.88 9.68 2.77
N GLU C 200 -40.19 9.60 4.05
CA GLU C 200 -40.60 10.77 4.82
C GLU C 200 -39.69 11.98 4.53
N ASP C 201 -38.40 11.81 4.82
CA ASP C 201 -37.34 12.82 4.65
C ASP C 201 -37.13 13.43 3.26
N LYS C 202 -37.20 12.58 2.23
CA LYS C 202 -37.02 13.01 0.85
C LYS C 202 -38.08 12.36 -0.04
N PRO C 203 -39.36 12.69 0.16
CA PRO C 203 -40.50 12.17 -0.59
C PRO C 203 -40.48 12.39 -2.08
N HIS C 204 -41.10 11.48 -2.81
CA HIS C 204 -41.16 11.54 -4.27
C HIS C 204 -41.52 12.91 -4.70
N ARG C 205 -40.77 13.45 -5.65
CA ARG C 205 -41.05 14.79 -6.12
C ARG C 205 -42.27 14.78 -7.03
N ILE C 206 -43.13 15.77 -6.83
CA ILE C 206 -44.35 15.91 -7.59
C ILE C 206 -44.05 16.77 -8.82
N SER C 207 -43.08 16.33 -9.61
CA SER C 207 -42.66 17.04 -10.81
C SER C 207 -43.81 17.43 -11.74
N ASN C 208 -43.98 16.66 -12.80
CA ASN C 208 -45.02 16.90 -13.80
C ASN C 208 -46.47 16.80 -13.31
N GLU C 209 -47.37 17.17 -14.21
CA GLU C 209 -48.79 17.17 -13.96
C GLU C 209 -49.26 15.78 -13.60
N ARG C 210 -49.13 14.85 -14.54
CA ARG C 210 -49.57 13.47 -14.33
C ARG C 210 -49.30 12.96 -12.91
N ILE C 211 -48.07 13.15 -12.43
CA ILE C 211 -47.71 12.72 -11.08
C ILE C 211 -48.72 13.30 -10.08
N GLU C 212 -49.06 14.58 -10.26
CA GLU C 212 -50.03 15.24 -9.38
C GLU C 212 -51.35 14.50 -9.48
N LYS C 213 -51.80 14.25 -10.72
CA LYS C 213 -53.05 13.54 -10.95
C LYS C 213 -53.02 12.22 -10.18
N GLU C 214 -52.23 11.27 -10.65
CA GLU C 214 -52.12 9.98 -9.99
C GLU C 214 -52.05 10.04 -8.48
N MET C 215 -51.00 10.65 -7.95
CA MET C 215 -50.84 10.74 -6.50
C MET C 215 -52.12 10.98 -5.71
N ILE C 216 -52.99 11.80 -6.25
CA ILE C 216 -54.22 12.11 -5.55
C ILE C 216 -55.11 10.90 -5.58
N LYS C 217 -55.32 10.36 -6.76
CA LYS C 217 -56.17 9.21 -6.92
C LYS C 217 -55.61 7.99 -6.15
N ASP C 218 -54.29 7.85 -6.11
CA ASP C 218 -53.66 6.74 -5.39
C ASP C 218 -53.85 6.94 -3.92
N LEU C 219 -53.90 8.18 -3.50
CA LEU C 219 -54.12 8.47 -2.10
C LEU C 219 -55.61 8.48 -1.90
N GLU C 220 -56.33 8.99 -2.90
CA GLU C 220 -57.78 9.06 -2.89
C GLU C 220 -58.24 7.63 -2.64
N SER C 221 -57.89 6.74 -3.54
CA SER C 221 -58.28 5.35 -3.41
C SER C 221 -57.86 4.80 -2.07
N ILE C 222 -56.57 4.82 -1.77
CA ILE C 222 -56.10 4.28 -0.48
C ILE C 222 -56.99 4.65 0.70
N ILE C 223 -57.65 5.81 0.63
CA ILE C 223 -58.53 6.25 1.69
C ILE C 223 -59.83 5.49 1.61
N GLU C 224 -60.43 5.47 0.41
CA GLU C 224 -61.67 4.74 0.19
C GLU C 224 -61.36 3.28 0.57
N ASP C 225 -60.20 2.81 0.16
CA ASP C 225 -59.74 1.47 0.47
C ASP C 225 -60.06 1.19 1.92
N PHE C 226 -59.73 2.13 2.80
CA PHE C 226 -59.98 1.94 4.23
C PHE C 226 -61.43 1.69 4.56
N PHE C 227 -62.30 2.53 4.03
CA PHE C 227 -63.72 2.40 4.30
C PHE C 227 -64.35 1.13 3.76
N ILE C 228 -64.06 0.80 2.51
CA ILE C 228 -64.61 -0.41 1.95
C ILE C 228 -64.37 -1.54 2.97
N GLU C 229 -63.12 -1.70 3.40
CA GLU C 229 -62.72 -2.73 4.35
C GLU C 229 -63.26 -2.63 5.79
N THR C 230 -63.56 -1.43 6.27
CA THR C 230 -64.12 -1.36 7.60
C THR C 230 -65.60 -1.10 7.42
N GLY C 231 -66.01 -1.03 6.16
CA GLY C 231 -67.41 -0.79 5.84
C GLY C 231 -67.78 0.66 6.11
N LEU C 232 -67.13 1.24 7.12
CA LEU C 232 -67.34 2.62 7.54
C LEU C 232 -67.62 3.56 6.37
N ASN C 233 -68.29 4.66 6.65
CA ASN C 233 -68.62 5.59 5.59
C ASN C 233 -67.76 6.84 5.49
N LYS C 234 -67.27 7.06 4.27
CA LYS C 234 -66.41 8.19 3.95
C LYS C 234 -67.13 9.53 4.02
N PRO C 235 -66.68 10.43 4.90
CA PRO C 235 -67.31 11.75 5.02
C PRO C 235 -66.88 12.66 3.87
N GLY C 236 -67.83 13.37 3.27
CA GLY C 236 -67.45 14.23 2.16
C GLY C 236 -66.57 15.41 2.55
N ASN C 237 -65.94 15.34 3.71
CA ASN C 237 -65.09 16.43 4.16
C ASN C 237 -64.47 16.09 5.51
N ILE C 238 -63.16 15.90 5.52
CA ILE C 238 -62.38 15.59 6.72
C ILE C 238 -61.30 16.65 6.88
N THR C 239 -60.97 17.01 8.12
CA THR C 239 -59.95 18.02 8.33
C THR C 239 -58.59 17.49 7.94
N SER C 240 -57.65 18.38 7.64
CA SER C 240 -56.30 17.98 7.28
C SER C 240 -55.50 17.92 8.58
N TYR C 241 -54.28 17.38 8.50
CA TYR C 241 -53.45 17.26 9.69
C TYR C 241 -52.25 18.22 9.68
N ASP C 242 -52.28 19.17 10.63
CA ASP C 242 -51.23 20.17 10.79
C ASP C 242 -50.37 19.68 11.94
N SER C 243 -49.15 19.29 11.65
CA SER C 243 -48.23 18.78 12.68
C SER C 243 -48.11 19.71 13.88
N SER C 244 -48.48 20.98 13.70
CA SER C 244 -48.38 21.96 14.76
C SER C 244 -49.72 22.38 15.34
N LYS C 245 -50.80 22.01 14.66
CA LYS C 245 -52.14 22.37 15.09
C LYS C 245 -52.71 21.33 16.07
N HIS C 246 -52.21 20.10 15.98
CA HIS C 246 -52.68 19.02 16.85
C HIS C 246 -51.74 17.83 16.83
N HIS C 247 -50.66 17.95 17.59
CA HIS C 247 -49.66 16.91 17.68
C HIS C 247 -50.17 15.87 18.67
N TYR C 248 -49.90 14.61 18.38
CA TYR C 248 -50.33 13.50 19.22
C TYR C 248 -49.56 13.52 20.54
N LYS C 249 -48.50 14.31 20.56
CA LYS C 249 -47.65 14.44 21.74
C LYS C 249 -47.47 15.89 22.18
N ASN C 250 -47.69 16.84 21.28
CA ASN C 250 -47.55 18.26 21.62
C ASN C 250 -48.83 19.09 21.65
N HIS C 251 -49.93 18.56 21.11
CA HIS C 251 -51.20 19.28 21.11
C HIS C 251 -52.34 18.30 21.30
N SER C 252 -52.13 17.31 22.17
CA SER C 252 -53.12 16.29 22.46
C SER C 252 -54.55 16.83 22.35
N GLU C 253 -54.81 17.98 22.95
CA GLU C 253 -56.12 18.60 22.92
C GLU C 253 -56.66 18.58 21.49
N GLY C 254 -56.01 19.34 20.62
CA GLY C 254 -56.42 19.40 19.24
C GLY C 254 -56.23 18.09 18.50
N PHE C 255 -55.51 17.17 19.12
CA PHE C 255 -55.28 15.86 18.51
C PHE C 255 -56.54 15.02 18.65
N GLU C 256 -56.94 14.77 19.90
CA GLU C 256 -58.14 13.98 20.18
C GLU C 256 -59.35 14.72 19.65
N ALA C 257 -59.29 16.04 19.65
CA ALA C 257 -60.37 16.86 19.14
C ALA C 257 -60.53 16.59 17.64
N LEU C 258 -59.41 16.46 16.95
CA LEU C 258 -59.39 16.18 15.52
C LEU C 258 -60.09 14.86 15.29
N VAL C 259 -59.74 13.86 16.10
CA VAL C 259 -60.33 12.53 15.98
C VAL C 259 -61.81 12.52 16.29
N LYS C 260 -62.23 13.26 17.32
CA LYS C 260 -63.64 13.31 17.65
C LYS C 260 -64.38 13.70 16.38
N GLU C 261 -64.12 14.91 15.90
CA GLU C 261 -64.75 15.43 14.70
C GLU C 261 -64.78 14.40 13.56
N THR C 262 -63.64 13.75 13.33
CA THR C 262 -63.49 12.77 12.28
C THR C 262 -64.40 11.56 12.49
N ARG C 263 -64.28 10.93 13.66
CA ARG C 263 -65.12 9.79 13.95
C ARG C 263 -66.57 10.20 13.67
N GLU C 264 -66.99 11.36 14.20
CA GLU C 264 -68.33 11.88 13.99
C GLU C 264 -68.61 11.99 12.51
N ALA C 265 -67.60 12.41 11.75
CA ALA C 265 -67.76 12.54 10.32
C ALA C 265 -68.21 11.19 9.78
N VAL C 266 -67.35 10.20 9.96
CA VAL C 266 -67.61 8.84 9.51
C VAL C 266 -68.89 8.25 10.08
N ALA C 267 -69.29 8.72 11.27
CA ALA C 267 -70.48 8.22 11.91
C ALA C 267 -71.76 8.76 11.27
N ASN C 268 -71.75 10.04 10.87
CA ASN C 268 -72.93 10.65 10.27
C ASN C 268 -72.91 10.65 8.76
N ALA C 269 -71.78 10.28 8.18
CA ALA C 269 -71.63 10.25 6.74
C ALA C 269 -72.59 9.27 6.05
N ASP C 270 -73.06 9.69 4.88
CA ASP C 270 -73.99 8.92 4.07
C ASP C 270 -73.27 7.91 3.18
N GLU C 271 -74.05 7.05 2.51
CA GLU C 271 -73.51 6.04 1.61
C GLU C 271 -73.47 6.60 0.19
N SER C 272 -73.47 7.93 0.07
CA SER C 272 -73.45 8.58 -1.24
C SER C 272 -72.17 8.38 -2.03
N TRP C 273 -71.02 8.36 -1.33
CA TRP C 273 -69.69 8.20 -1.93
C TRP C 273 -69.40 6.90 -2.65
N LYS C 274 -69.87 5.80 -2.07
CA LYS C 274 -69.65 4.48 -2.64
C LYS C 274 -69.91 4.42 -4.14
N THR C 275 -70.60 5.43 -4.66
CA THR C 275 -70.92 5.45 -6.08
C THR C 275 -69.93 6.27 -6.88
N LYS C 276 -68.92 6.82 -6.21
CA LYS C 276 -67.91 7.63 -6.89
C LYS C 276 -66.47 7.08 -6.83
N THR C 277 -66.20 6.30 -5.78
CA THR C 277 -64.88 5.70 -5.55
C THR C 277 -64.01 5.47 -6.79
N VAL C 278 -62.71 5.69 -6.59
CA VAL C 278 -61.69 5.54 -7.63
C VAL C 278 -61.63 4.13 -8.14
N LYS C 279 -61.52 3.18 -7.20
CA LYS C 279 -61.47 1.77 -7.53
C LYS C 279 -62.87 1.19 -7.56
N LYS C 280 -63.18 0.42 -8.59
CA LYS C 280 -64.50 -0.17 -8.69
C LYS C 280 -64.49 -1.44 -7.88
N TYR C 281 -64.60 -1.32 -6.56
CA TYR C 281 -64.59 -2.50 -5.72
C TYR C 281 -65.71 -3.48 -6.06
N GLY C 282 -65.34 -4.64 -6.60
CA GLY C 282 -66.34 -5.63 -6.96
C GLY C 282 -66.10 -6.25 -8.32
N PHE D 1 49.46 31.03 14.91
CA PHE D 1 49.67 32.19 15.82
C PHE D 1 49.32 31.75 17.24
N PHE D 2 49.68 30.52 17.58
CA PHE D 2 49.41 30.01 18.90
C PHE D 2 50.73 29.82 19.62
N ASN D 3 50.67 29.62 20.92
CA ASN D 3 51.86 29.38 21.72
C ASN D 3 51.98 27.87 21.97
N GLU D 4 53.05 27.28 21.41
CA GLU D 4 53.31 25.85 21.53
C GLU D 4 52.90 25.28 22.89
N LYS D 5 53.11 26.05 23.95
CA LYS D 5 52.75 25.56 25.26
C LYS D 5 51.26 25.21 25.40
N THR D 6 50.45 25.58 24.41
CA THR D 6 49.00 25.27 24.43
C THR D 6 48.50 24.63 23.13
N PHE D 7 49.15 24.95 22.03
CA PHE D 7 48.77 24.41 20.72
C PHE D 7 49.66 23.25 20.29
N GLY D 8 50.80 23.10 20.97
CA GLY D 8 51.72 22.04 20.61
C GLY D 8 52.63 22.56 19.52
N ALA D 9 53.65 21.78 19.17
CA ALA D 9 54.59 22.19 18.14
C ALA D 9 54.10 21.81 16.76
N GLY D 10 54.75 22.32 15.72
CA GLY D 10 54.36 22.00 14.36
C GLY D 10 53.83 23.21 13.62
N GLU D 11 53.37 24.19 14.40
CA GLU D 11 52.81 25.44 13.88
C GLU D 11 53.75 26.11 12.90
N ALA D 12 55.00 26.25 13.33
CA ALA D 12 56.04 26.87 12.55
C ALA D 12 56.24 26.22 11.19
N ASP D 13 56.34 24.90 11.18
CA ASP D 13 56.58 24.14 9.95
C ASP D 13 55.35 23.78 9.16
N CYS D 14 54.18 23.94 9.77
CA CYS D 14 52.93 23.60 9.12
C CYS D 14 52.97 23.76 7.60
N GLY D 15 52.08 23.03 6.93
CA GLY D 15 51.95 23.11 5.48
C GLY D 15 53.02 22.63 4.54
N LEU D 16 54.18 22.22 5.05
CA LEU D 16 55.27 21.76 4.18
C LEU D 16 55.40 20.24 4.23
N ARG D 17 55.12 19.58 3.11
CA ARG D 17 55.19 18.12 3.06
C ARG D 17 56.60 17.53 2.90
N PRO D 18 57.15 16.95 3.98
CA PRO D 18 58.48 16.34 4.02
C PRO D 18 58.83 15.44 2.86
N LEU D 19 57.83 14.99 2.11
CA LEU D 19 58.10 14.11 0.99
C LEU D 19 57.77 14.76 -0.34
N PHE D 20 57.49 16.05 -0.29
CA PHE D 20 57.16 16.84 -1.46
C PHE D 20 57.78 18.23 -1.35
N GLU D 21 57.17 19.06 -0.51
CA GLU D 21 57.65 20.43 -0.28
C GLU D 21 59.16 20.45 0.01
N LYS D 22 59.52 20.15 1.26
CA LYS D 22 60.90 20.14 1.74
C LYS D 22 61.69 19.10 0.96
N LYS D 23 61.64 19.18 -0.35
CA LYS D 23 62.34 18.28 -1.24
C LYS D 23 62.08 18.68 -2.67
N GLN D 24 61.50 19.87 -2.86
CA GLN D 24 61.19 20.38 -4.20
C GLN D 24 60.51 19.34 -5.09
N VAL D 25 59.48 18.67 -4.54
CA VAL D 25 58.74 17.66 -5.30
C VAL D 25 57.27 18.09 -5.40
N GLN D 26 56.82 18.47 -6.59
CA GLN D 26 55.42 18.86 -6.75
C GLN D 26 54.56 17.58 -6.93
N ASP D 27 53.31 17.63 -6.50
CA ASP D 27 52.43 16.46 -6.62
C ASP D 27 51.58 16.45 -7.89
N GLN D 28 51.19 15.25 -8.30
CA GLN D 28 50.41 15.01 -9.50
C GLN D 28 49.33 16.02 -9.86
N THR D 29 48.80 16.75 -8.88
CA THR D 29 47.75 17.72 -9.19
C THR D 29 47.89 18.97 -8.35
N GLU D 30 49.09 19.55 -8.37
CA GLU D 30 49.33 20.76 -7.60
C GLU D 30 49.15 21.99 -8.47
N LYS D 31 49.83 22.01 -9.61
CA LYS D 31 49.72 23.13 -10.52
C LYS D 31 48.24 23.36 -10.80
N GLU D 32 47.46 22.29 -10.72
CA GLU D 32 46.02 22.36 -10.99
C GLU D 32 45.33 23.40 -10.12
N LEU D 33 45.86 23.61 -8.91
CA LEU D 33 45.28 24.60 -8.03
C LEU D 33 45.76 25.97 -8.47
N PHE D 34 46.97 26.02 -9.01
CA PHE D 34 47.53 27.28 -9.49
C PHE D 34 46.90 27.67 -10.81
N GLU D 35 46.20 26.73 -11.42
CA GLU D 35 45.51 27.00 -12.68
C GLU D 35 44.22 27.77 -12.36
N SER D 36 43.75 27.58 -11.13
CA SER D 36 42.53 28.23 -10.69
C SER D 36 42.83 29.62 -10.18
N TYR D 37 44.09 29.88 -9.83
CA TYR D 37 44.48 31.19 -9.32
C TYR D 37 44.61 32.28 -10.39
N ILE D 38 45.26 31.95 -11.50
CA ILE D 38 45.47 32.91 -12.58
C ILE D 38 45.19 32.28 -13.97
N GLU D 39 44.13 32.74 -14.62
CA GLU D 39 43.79 32.22 -15.94
C GLU D 39 44.46 33.00 -17.06
N GLY D 40 45.06 34.13 -16.71
CA GLY D 40 45.74 34.96 -17.70
C GLY D 40 47.19 35.21 -17.36
N ARG D 41 47.78 36.20 -18.02
CA ARG D 41 49.18 36.55 -17.78
C ARG D 41 50.16 35.42 -18.10
N ILE E 1 35.33 9.86 -1.46
CA ILE E 1 35.46 10.87 -2.54
C ILE E 1 35.06 10.34 -3.91
N VAL E 2 34.17 11.07 -4.56
CA VAL E 2 33.66 10.73 -5.89
C VAL E 2 34.52 11.40 -6.96
N GLU E 3 34.80 10.66 -8.02
CA GLU E 3 35.65 11.16 -9.09
C GLU E 3 37.00 11.39 -8.44
N GLY E 4 37.25 10.60 -7.39
CA GLY E 4 38.49 10.68 -6.65
C GLY E 4 39.70 10.21 -7.43
N GLN E 5 40.76 9.85 -6.70
CA GLN E 5 42.00 9.39 -7.30
C GLN E 5 42.94 8.96 -6.17
N ASP E 6 43.61 7.82 -6.36
CA ASP E 6 44.54 7.29 -5.38
C ASP E 6 45.56 8.37 -5.01
N ALA E 7 45.65 8.71 -3.73
CA ALA E 7 46.60 9.73 -3.31
C ALA E 7 48.02 9.19 -3.51
N GLU E 8 49.00 10.06 -3.37
CA GLU E 8 50.39 9.64 -3.50
C GLU E 8 50.95 9.57 -2.08
N VAL E 9 50.98 8.37 -1.52
CA VAL E 9 51.49 8.17 -0.17
C VAL E 9 52.38 9.32 0.28
N GLY E 10 51.95 10.02 1.32
CA GLY E 10 52.71 11.15 1.82
C GLY E 10 52.24 12.44 1.21
N LEU E 11 50.99 12.42 0.72
CA LEU E 11 50.34 13.56 0.08
C LEU E 11 49.56 14.43 1.05
N SER E 12 49.03 13.81 2.10
CA SER E 12 48.28 14.55 3.10
C SER E 12 48.59 14.12 4.53
N PRO E 13 49.83 14.35 4.99
CA PRO E 13 50.27 13.98 6.32
C PRO E 13 49.27 14.37 7.42
N TRP E 14 48.78 15.60 7.36
CA TRP E 14 47.80 16.12 8.32
C TRP E 14 46.46 15.40 8.27
N GLN E 15 46.32 14.48 7.31
CA GLN E 15 45.11 13.71 7.12
C GLN E 15 44.97 12.67 8.21
N VAL E 16 43.99 12.86 9.07
CA VAL E 16 43.74 11.92 10.13
C VAL E 16 42.57 11.08 9.67
N MET E 17 42.29 10.00 10.39
CA MET E 17 41.21 9.08 10.06
C MET E 17 40.47 8.77 11.35
N LEU E 18 39.32 9.39 11.56
CA LEU E 18 38.54 9.13 12.77
C LEU E 18 37.94 7.76 12.64
N PHE E 19 38.47 6.84 13.44
CA PHE E 19 38.06 5.45 13.43
C PHE E 19 37.31 5.13 14.73
N ARG E 20 36.32 4.27 14.65
CA ARG E 20 35.57 3.90 15.85
C ARG E 20 36.19 2.61 16.37
N LYS E 21 36.29 2.48 17.68
CA LYS E 21 36.87 1.29 18.29
C LYS E 21 36.05 0.03 18.03
N SER E 22 34.86 -0.04 18.61
CA SER E 22 33.99 -1.20 18.43
C SER E 22 32.53 -0.78 18.31
N PRO E 23 31.83 -1.32 17.31
CA PRO E 23 32.43 -2.26 16.35
C PRO E 23 33.40 -1.53 15.43
N GLN E 24 34.59 -2.10 15.21
CA GLN E 24 35.56 -1.46 14.33
C GLN E 24 34.86 -0.93 13.09
N GLU E 25 34.86 0.39 12.95
CA GLU E 25 34.19 1.03 11.84
C GLU E 25 34.76 2.42 11.55
N LEU E 26 34.93 2.73 10.28
CA LEU E 26 35.47 4.02 9.87
C LEU E 26 34.39 5.09 10.01
N LEU E 27 34.70 6.16 10.73
CA LEU E 27 33.74 7.24 10.93
C LEU E 27 33.91 8.46 10.02
N CYS E 28 35.09 9.07 10.03
CA CYS E 28 35.34 10.26 9.20
C CYS E 28 36.81 10.54 8.98
N GLY E 29 37.07 11.56 8.17
CA GLY E 29 38.43 12.00 7.95
C GLY E 29 38.67 13.02 9.05
N ALA E 30 39.81 13.70 9.05
CA ALA E 30 40.06 14.70 10.07
C ALA E 30 41.23 15.53 9.62
N SER E 31 41.79 16.32 10.52
CA SER E 31 42.92 17.16 10.17
C SER E 31 43.84 17.39 11.36
N LEU E 32 45.13 17.16 11.16
CA LEU E 32 46.13 17.36 12.21
C LEU E 32 46.63 18.81 12.05
N ILE E 33 46.53 19.62 13.10
CA ILE E 33 46.97 21.00 13.00
C ILE E 33 48.21 21.35 13.84
N SER E 34 48.72 20.37 14.57
CA SER E 34 49.91 20.54 15.39
C SER E 34 50.41 19.14 15.73
N ASP E 35 50.82 18.91 16.96
CA ASP E 35 51.30 17.60 17.34
C ASP E 35 50.42 17.04 18.42
N ARG E 36 49.29 17.67 18.68
CA ARG E 36 48.36 17.20 19.71
C ARG E 36 46.93 17.65 19.44
N TRP E 37 46.76 18.47 18.41
CA TRP E 37 45.44 18.94 18.04
C TRP E 37 45.08 18.49 16.64
N VAL E 38 43.87 17.93 16.54
CA VAL E 38 43.35 17.47 15.27
C VAL E 38 41.95 18.08 15.14
N LEU E 39 41.65 18.54 13.93
CA LEU E 39 40.38 19.22 13.58
C LEU E 39 39.44 18.42 12.69
N THR E 40 38.16 18.33 13.08
CA THR E 40 37.19 17.58 12.29
C THR E 40 35.77 18.16 12.27
N ALA E 41 34.93 17.60 11.39
CA ALA E 41 33.55 18.02 11.24
C ALA E 41 32.74 17.66 12.48
N ALA E 42 32.33 18.69 13.22
CA ALA E 42 31.56 18.55 14.44
C ALA E 42 30.55 17.42 14.48
N HIS E 43 29.83 17.18 13.37
CA HIS E 43 28.82 16.12 13.36
C HIS E 43 29.36 14.71 13.27
N CYS E 44 30.66 14.55 13.06
CA CYS E 44 31.21 13.22 12.97
C CYS E 44 31.10 12.57 14.33
N LEU E 45 31.14 13.39 15.37
CA LEU E 45 31.01 12.86 16.71
C LEU E 45 29.55 12.84 17.17
N LEU E 46 28.89 14.00 17.13
CA LEU E 46 27.48 14.13 17.54
C LEU E 46 26.51 14.52 16.42
N TYR E 47 25.38 13.81 16.39
CA TYR E 47 24.32 14.03 15.40
C TYR E 47 23.08 13.20 15.71
N PRO E 48 22.29 13.63 16.71
CA PRO E 48 21.05 13.04 17.23
C PRO E 48 20.06 12.39 16.25
N PRO E 49 19.92 12.94 15.04
CA PRO E 49 18.98 12.27 14.13
C PRO E 49 19.41 10.83 13.89
N TRP E 50 20.72 10.60 13.80
CA TRP E 50 21.23 9.25 13.63
C TRP E 50 21.68 8.63 14.95
N ASP E 51 21.12 9.12 16.06
CA ASP E 51 21.45 8.59 17.38
C ASP E 51 22.96 8.62 17.60
N LYS E 52 23.65 9.56 16.95
CA LYS E 52 25.11 9.71 17.06
C LYS E 52 25.56 10.66 18.16
N ASN E 53 26.49 10.17 18.96
CA ASN E 53 27.04 10.92 20.07
C ASN E 53 28.16 10.06 20.62
N PHE E 54 29.33 10.16 19.99
CA PHE E 54 30.48 9.39 20.41
C PHE E 54 31.24 10.19 21.45
N THR E 55 32.17 9.53 22.12
CA THR E 55 32.97 10.21 23.13
C THR E 55 34.38 9.67 23.01
N VAL E 56 35.29 10.33 23.71
CA VAL E 56 36.68 9.95 23.71
C VAL E 56 36.92 8.43 23.74
N ASP E 57 36.20 7.72 24.60
CA ASP E 57 36.33 6.26 24.73
C ASP E 57 35.89 5.52 23.47
N ASP E 58 34.73 5.90 22.95
CA ASP E 58 34.13 5.27 21.78
C ASP E 58 35.03 5.15 20.56
N LEU E 59 36.02 6.03 20.43
CA LEU E 59 36.89 5.98 19.26
C LEU E 59 38.37 6.31 19.44
N LEU E 60 39.08 6.31 18.33
CA LEU E 60 40.49 6.59 18.32
C LEU E 60 40.92 6.93 16.90
N VAL E 61 41.70 7.99 16.74
CA VAL E 61 42.18 8.43 15.42
C VAL E 61 43.41 7.67 14.98
N ARG E 62 43.72 7.79 13.70
CA ARG E 62 44.87 7.10 13.14
C ARG E 62 45.53 8.02 12.10
N ILE E 63 46.71 8.54 12.41
CA ILE E 63 47.39 9.42 11.48
C ILE E 63 48.53 8.77 10.70
N GLY E 64 48.87 9.39 9.56
CA GLY E 64 49.91 8.86 8.71
C GLY E 64 49.46 7.50 8.19
N LYS E 65 48.60 7.49 7.19
CA LYS E 65 48.09 6.27 6.59
C LYS E 65 48.02 6.36 5.08
N HIS E 66 47.22 5.47 4.48
CA HIS E 66 47.08 5.43 3.02
C HIS E 66 46.10 4.34 2.71
N SER E 67 46.38 3.15 3.24
CA SER E 67 45.51 2.01 3.05
C SER E 67 44.58 2.01 4.23
N ARG E 68 43.28 2.00 3.95
CA ARG E 68 42.27 2.00 5.01
C ARG E 68 42.16 0.60 5.59
N THR E 69 42.59 -0.37 4.80
CA THR E 69 42.53 -1.75 5.22
C THR E 69 43.50 -2.10 6.34
N ARG E 70 44.64 -2.69 5.95
CA ARG E 70 45.68 -3.15 6.86
C ARG E 70 46.40 -2.10 7.69
N TYR E 71 46.93 -2.57 8.81
CA TYR E 71 47.69 -1.74 9.74
C TYR E 71 49.07 -1.51 9.11
N GLU E 72 49.55 -0.28 9.23
CA GLU E 72 50.83 0.07 8.65
C GLU E 72 51.86 0.44 9.72
N ARG E 73 52.36 -0.58 10.41
CA ARG E 73 53.34 -0.40 11.49
C ARG E 73 54.47 0.54 11.13
N LYS E 74 54.97 0.45 9.92
CA LYS E 74 56.07 1.31 9.50
C LYS E 74 55.79 2.81 9.67
N VAL E 75 54.59 3.24 9.29
CA VAL E 75 54.20 4.66 9.36
C VAL E 75 53.02 5.00 10.24
N GLU E 76 52.06 4.10 10.35
CA GLU E 76 50.86 4.33 11.11
C GLU E 76 51.02 4.52 12.61
N LYS E 77 50.47 5.61 13.13
CA LYS E 77 50.51 5.88 14.57
C LYS E 77 49.05 5.93 15.02
N ILE E 78 48.71 5.20 16.08
CA ILE E 78 47.34 5.18 16.59
C ILE E 78 47.26 5.96 17.90
N SER E 79 46.35 6.92 18.00
CA SER E 79 46.28 7.68 19.25
C SER E 79 44.88 7.87 19.82
N MET E 80 44.78 7.84 21.15
CA MET E 80 43.52 7.99 21.86
C MET E 80 43.25 9.44 22.20
N LEU E 81 41.97 9.81 22.17
CA LEU E 81 41.52 11.19 22.43
C LEU E 81 41.37 11.54 23.90
N ASP E 82 41.94 12.67 24.28
CA ASP E 82 41.87 13.12 25.67
C ASP E 82 40.53 13.82 25.91
N LYS E 83 40.34 14.99 25.32
CA LYS E 83 39.10 15.73 25.47
C LYS E 83 38.55 16.02 24.07
N ILE E 84 37.24 16.19 23.99
CA ILE E 84 36.59 16.46 22.72
C ILE E 84 35.93 17.84 22.71
N TYR E 85 36.05 18.55 21.59
CA TYR E 85 35.48 19.90 21.49
C TYR E 85 34.52 20.15 20.34
N ILE E 86 33.22 20.18 20.64
CA ILE E 86 32.24 20.46 19.61
C ILE E 86 31.90 21.91 19.81
N HIS E 87 31.42 22.56 18.75
CA HIS E 87 31.08 23.96 18.79
C HIS E 87 29.76 24.25 19.50
N PRO E 88 29.73 25.29 20.35
CA PRO E 88 28.50 25.63 21.08
C PRO E 88 27.35 25.88 20.12
N ARG E 89 27.45 27.01 19.41
CA ARG E 89 26.45 27.42 18.43
C ARG E 89 26.33 26.48 17.24
N TYR E 90 26.58 25.18 17.46
CA TYR E 90 26.50 24.18 16.41
C TYR E 90 25.03 23.82 16.27
N ASN E 91 24.48 24.05 15.08
CA ASN E 91 23.06 23.78 14.82
C ASN E 91 22.80 22.58 13.93
N TRP E 92 22.36 21.48 14.53
CA TRP E 92 22.08 20.26 13.76
C TRP E 92 20.58 20.09 13.55
N LYS E 93 19.79 20.49 14.55
CA LYS E 93 18.34 20.38 14.48
C LYS E 93 17.85 20.83 13.14
N GLU E 94 18.52 21.85 12.61
CA GLU E 94 18.12 22.41 11.33
C GLU E 94 19.07 22.32 10.14
N ASN E 95 20.30 22.80 10.26
CA ASN E 95 21.19 22.80 9.09
C ASN E 95 22.71 22.59 9.21
N LEU E 96 23.21 22.06 10.31
CA LEU E 96 24.66 21.85 10.47
C LEU E 96 25.50 23.14 10.38
N ASP E 97 25.19 24.06 11.29
CA ASP E 97 25.88 25.34 11.35
C ASP E 97 27.00 25.14 12.38
N ARG E 98 28.13 25.79 12.14
CA ARG E 98 29.30 25.70 13.02
C ARG E 98 29.69 24.23 13.16
N ASP E 99 29.56 23.50 12.05
CA ASP E 99 29.89 22.07 12.01
C ASP E 99 31.41 21.91 12.01
N ILE E 100 32.01 22.05 13.18
CA ILE E 100 33.45 21.93 13.34
C ILE E 100 33.72 21.41 14.75
N ALA E 101 34.80 20.63 14.90
CA ALA E 101 35.15 20.09 16.21
C ALA E 101 36.65 19.92 16.40
N LEU E 102 37.12 20.13 17.63
CA LEU E 102 38.53 20.00 17.98
C LEU E 102 38.78 18.77 18.85
N LEU E 103 39.85 18.05 18.52
CA LEU E 103 40.21 16.84 19.27
C LEU E 103 41.63 16.95 19.82
N LYS E 104 41.74 16.72 21.14
CA LYS E 104 43.03 16.80 21.84
C LYS E 104 43.60 15.41 22.16
N LEU E 105 44.58 15.00 21.38
CA LEU E 105 45.25 13.72 21.52
C LEU E 105 45.77 13.44 22.92
N LYS E 106 45.45 12.26 23.44
CA LYS E 106 45.88 11.87 24.78
C LYS E 106 47.38 12.04 25.01
N ARG E 107 48.17 11.85 23.95
CA ARG E 107 49.62 12.01 24.05
C ARG E 107 50.13 12.66 22.76
N PRO E 108 51.00 13.68 22.87
CA PRO E 108 51.53 14.33 21.66
C PRO E 108 52.32 13.33 20.82
N ILE E 109 52.04 13.31 19.53
CA ILE E 109 52.69 12.37 18.63
C ILE E 109 53.98 12.85 17.97
N GLU E 110 54.83 11.91 17.57
CA GLU E 110 56.08 12.28 16.92
C GLU E 110 55.86 12.37 15.42
N LEU E 111 56.12 13.54 14.85
CA LEU E 111 55.94 13.73 13.42
C LEU E 111 57.01 13.04 12.60
N SER E 112 56.56 12.26 11.62
CA SER E 112 57.45 11.54 10.72
C SER E 112 57.21 12.15 9.34
N ASP E 113 57.78 11.55 8.31
CA ASP E 113 57.59 12.07 6.96
C ASP E 113 56.15 11.82 6.52
N TYR E 114 55.32 11.34 7.44
CA TYR E 114 53.95 11.01 7.10
C TYR E 114 52.89 11.60 8.02
N ILE E 115 53.35 12.19 9.11
CA ILE E 115 52.45 12.78 10.08
C ILE E 115 52.84 14.21 10.32
N HIS E 116 52.68 15.05 9.31
CA HIS E 116 53.01 16.45 9.44
C HIS E 116 51.71 17.24 9.50
N PRO E 117 51.68 18.34 10.29
CA PRO E 117 50.47 19.16 10.40
C PRO E 117 50.23 20.14 9.26
N VAL E 118 49.02 20.68 9.22
CA VAL E 118 48.61 21.62 8.19
C VAL E 118 48.49 23.00 8.81
N CYS E 119 48.40 24.02 7.97
CA CYS E 119 48.28 25.38 8.47
C CYS E 119 46.81 25.85 8.44
N LEU E 120 46.49 26.81 9.28
CA LEU E 120 45.14 27.35 9.30
C LEU E 120 45.08 28.62 8.47
N PRO E 121 44.03 28.77 7.64
CA PRO E 121 43.89 29.96 6.81
C PRO E 121 44.35 31.17 7.56
N ASP E 122 44.84 32.15 6.81
CA ASP E 122 45.38 33.38 7.35
C ASP E 122 44.44 34.56 7.10
N LYS E 123 44.41 35.49 8.04
CA LYS E 123 43.56 36.69 7.93
C LYS E 123 43.68 37.38 6.56
N GLN E 124 44.84 37.23 5.95
CA GLN E 124 45.11 37.82 4.65
C GLN E 124 45.06 36.73 3.57
N THR E 125 45.60 35.56 3.91
CA THR E 125 45.62 34.41 2.98
C THR E 125 44.19 33.92 2.77
N ALA E 126 43.33 34.22 3.73
CA ALA E 126 41.95 33.84 3.64
C ALA E 126 41.38 34.59 2.45
N ALA E 127 41.55 35.91 2.45
CA ALA E 127 41.06 36.75 1.36
C ALA E 127 41.77 36.44 0.05
N LYS E 128 43.09 36.62 0.03
CA LYS E 128 43.88 36.35 -1.16
C LYS E 128 43.45 35.07 -1.87
N LEU E 129 43.09 34.04 -1.12
CA LEU E 129 42.72 32.73 -1.69
C LEU E 129 41.23 32.31 -1.77
N LEU E 130 40.43 32.60 -0.75
CA LEU E 130 39.04 32.21 -0.79
C LEU E 130 38.20 33.04 -1.75
N HIS E 131 38.36 32.79 -3.06
CA HIS E 131 37.60 33.50 -4.10
C HIS E 131 37.00 32.50 -5.05
N ALA E 132 35.72 32.68 -5.35
CA ALA E 132 35.01 31.81 -6.28
C ALA E 132 35.85 31.64 -7.54
N GLY E 133 36.08 30.39 -7.93
CA GLY E 133 36.89 30.14 -9.12
C GLY E 133 38.10 29.32 -8.74
N PHE E 134 38.71 29.66 -7.61
CA PHE E 134 39.89 28.95 -7.15
C PHE E 134 39.58 27.52 -6.73
N LYS E 135 40.51 26.61 -6.99
CA LYS E 135 40.37 25.19 -6.65
C LYS E 135 41.10 24.82 -5.36
N GLY E 136 40.44 24.02 -4.53
CA GLY E 136 41.03 23.58 -3.28
C GLY E 136 41.26 22.08 -3.35
N ARG E 137 41.64 21.45 -2.25
CA ARG E 137 41.86 20.01 -2.28
C ARG E 137 41.12 19.26 -1.18
N VAL E 138 40.42 18.22 -1.59
CA VAL E 138 39.65 17.41 -0.65
C VAL E 138 40.17 15.98 -0.64
N THR E 139 40.32 15.42 0.55
CA THR E 139 40.82 14.05 0.68
C THR E 139 40.04 13.28 1.74
N GLY E 140 39.93 11.98 1.52
CA GLY E 140 39.21 11.13 2.46
C GLY E 140 38.99 9.72 1.94
N TRP E 141 38.41 8.89 2.79
CA TRP E 141 38.13 7.50 2.45
C TRP E 141 36.61 7.30 2.37
N GLY E 142 35.90 8.30 1.84
CA GLY E 142 34.44 8.22 1.74
C GLY E 142 33.90 7.40 0.59
N ASN E 143 32.57 7.31 0.48
CA ASN E 143 31.91 6.54 -0.58
C ASN E 143 32.50 6.85 -1.93
N ARG E 144 32.93 5.82 -2.64
CA ARG E 144 33.51 6.01 -3.95
C ARG E 144 32.56 6.68 -4.93
N ARG E 145 31.25 6.59 -4.67
CA ARG E 145 30.20 7.16 -5.54
C ARG E 145 28.83 7.06 -4.85
N GLU E 146 27.78 7.59 -5.48
CA GLU E 146 26.43 7.54 -4.93
C GLU E 146 25.74 6.24 -5.37
N THR E 147 25.02 5.60 -4.46
CA THR E 147 24.37 4.33 -4.77
C THR E 147 22.88 4.22 -4.45
N TRP E 148 22.09 3.73 -5.40
CA TRP E 148 20.66 3.54 -5.16
C TRP E 148 20.61 2.44 -4.09
N THR E 149 21.70 1.65 -4.06
CA THR E 149 21.86 0.55 -3.13
C THR E 149 22.02 1.12 -1.73
N THR E 150 21.05 1.91 -1.33
CA THR E 150 21.03 2.50 -0.02
C THR E 150 21.07 1.29 0.91
N SER E 151 20.99 1.53 2.22
CA SER E 151 21.02 0.42 3.17
C SER E 151 22.31 -0.39 3.07
N VAL E 152 23.37 0.27 2.61
CA VAL E 152 24.67 -0.36 2.48
C VAL E 152 25.73 0.74 2.51
N ALA E 153 26.79 0.51 3.26
CA ALA E 153 27.85 1.50 3.38
C ALA E 153 29.13 1.14 2.64
N GLU E 154 29.83 0.12 3.11
CA GLU E 154 31.08 -0.34 2.51
C GLU E 154 31.16 -0.13 1.00
N VAL E 155 31.49 1.09 0.62
CA VAL E 155 31.62 1.45 -0.78
C VAL E 155 32.79 2.42 -0.89
N GLN E 156 33.79 2.27 -0.02
CA GLN E 156 34.94 3.16 -0.02
C GLN E 156 36.11 2.59 -0.78
N PRO E 157 37.09 3.44 -1.11
CA PRO E 157 38.29 3.03 -1.82
C PRO E 157 39.13 2.25 -0.85
N SER E 158 40.33 1.84 -1.29
CA SER E 158 41.25 1.07 -0.44
C SER E 158 42.33 1.98 0.09
N VAL E 159 42.75 2.89 -0.77
CA VAL E 159 43.80 3.87 -0.46
C VAL E 159 43.13 5.22 -0.27
N LEU E 160 43.90 6.21 0.21
CA LEU E 160 43.36 7.55 0.42
C LEU E 160 43.05 8.21 -0.92
N GLN E 161 41.93 8.93 -0.97
CA GLN E 161 41.49 9.60 -2.20
C GLN E 161 41.72 11.11 -2.16
N VAL E 162 41.90 11.70 -3.34
CA VAL E 162 42.11 13.13 -3.46
C VAL E 162 41.40 13.72 -4.68
N VAL E 163 40.67 14.80 -4.45
CA VAL E 163 39.95 15.48 -5.51
C VAL E 163 40.05 16.99 -5.28
N ASN E 164 40.34 17.72 -6.35
CA ASN E 164 40.48 19.17 -6.27
C ASN E 164 39.23 19.86 -6.82
N LEU E 165 38.50 20.52 -5.92
CA LEU E 165 37.25 21.19 -6.26
C LEU E 165 37.26 22.72 -6.16
N PRO E 166 36.75 23.41 -7.20
CA PRO E 166 36.70 24.88 -7.25
C PRO E 166 35.59 25.47 -6.36
N LEU E 167 35.83 26.67 -5.85
CA LEU E 167 34.88 27.39 -5.00
C LEU E 167 33.73 28.03 -5.77
N VAL E 168 32.52 27.93 -5.23
CA VAL E 168 31.33 28.48 -5.86
C VAL E 168 30.95 29.74 -5.12
N GLU E 169 30.36 30.70 -5.83
CA GLU E 169 29.96 31.97 -5.23
C GLU E 169 28.63 31.90 -4.46
N ARG E 170 28.63 32.53 -3.29
CA ARG E 170 27.50 32.58 -2.37
C ARG E 170 26.11 32.46 -2.97
N PRO E 171 25.76 33.32 -3.96
CA PRO E 171 24.44 33.25 -4.57
C PRO E 171 24.03 31.82 -4.95
N VAL E 172 24.79 31.24 -5.89
CA VAL E 172 24.57 29.88 -6.38
C VAL E 172 24.41 28.92 -5.22
N CYS E 173 25.45 28.80 -4.40
CA CYS E 173 25.41 27.92 -3.25
C CYS E 173 24.03 27.93 -2.57
N LYS E 174 23.60 29.10 -2.12
CA LYS E 174 22.32 29.28 -1.45
C LYS E 174 21.17 28.85 -2.37
N ALA E 175 21.27 29.26 -3.63
CA ALA E 175 20.26 28.96 -4.64
C ALA E 175 20.02 27.48 -4.86
N SER E 176 21.10 26.73 -5.05
CA SER E 176 21.02 25.30 -5.29
C SER E 176 20.48 24.49 -4.10
N THR E 177 19.81 25.13 -3.16
CA THR E 177 19.29 24.41 -2.01
C THR E 177 18.10 25.03 -1.33
N ARG E 178 17.38 24.20 -0.58
CA ARG E 178 16.22 24.64 0.15
C ARG E 178 16.63 24.60 1.62
N ILE E 179 17.92 24.37 1.83
CA ILE E 179 18.48 24.33 3.17
C ILE E 179 19.17 25.67 3.38
N ARG E 180 18.88 26.29 4.53
CA ARG E 180 19.43 27.60 4.85
C ARG E 180 20.94 27.60 5.02
N ILE E 181 21.60 28.51 4.30
CA ILE E 181 23.07 28.65 4.32
C ILE E 181 23.53 29.69 5.36
N THR E 182 24.81 29.68 5.70
CA THR E 182 25.34 30.64 6.66
C THR E 182 26.79 31.02 6.30
N ASP E 183 27.18 32.24 6.65
CA ASP E 183 28.52 32.73 6.38
C ASP E 183 29.56 31.81 7.00
N ASN E 184 29.09 30.88 7.82
CA ASN E 184 29.94 29.92 8.50
C ASN E 184 30.05 28.60 7.75
N MET E 185 29.98 28.67 6.43
CA MET E 185 30.09 27.50 5.56
C MET E 185 30.14 27.95 4.12
N PHE E 186 30.87 27.19 3.30
CA PHE E 186 30.99 27.50 1.88
C PHE E 186 30.75 26.26 1.04
N CYS E 187 30.44 26.47 -0.24
CA CYS E 187 30.18 25.34 -1.11
C CYS E 187 31.17 25.32 -2.25
N ALA E 188 31.63 24.12 -2.59
CA ALA E 188 32.60 23.95 -3.65
C ALA E 188 32.19 22.85 -4.61
N GLY E 189 32.70 22.95 -5.84
CA GLY E 189 32.38 21.95 -6.85
C GLY E 189 32.39 22.46 -8.27
N TYR E 190 31.84 21.65 -9.17
CA TYR E 190 31.77 21.99 -10.58
C TYR E 190 30.32 22.29 -11.00
N LYS E 191 30.14 23.34 -11.80
CA LYS E 191 28.80 23.73 -12.28
C LYS E 191 28.39 22.79 -13.41
N PRO E 192 27.11 22.39 -13.44
CA PRO E 192 26.64 21.47 -14.50
C PRO E 192 27.15 21.84 -15.89
N GLY E 193 26.92 23.09 -16.28
CA GLY E 193 27.37 23.53 -17.59
C GLY E 193 28.83 23.24 -17.83
N GLU E 194 29.58 22.94 -16.77
CA GLU E 194 31.01 22.66 -16.89
C GLU E 194 31.28 21.22 -17.30
N GLY E 195 32.55 20.93 -17.58
CA GLY E 195 32.95 19.60 -18.02
C GLY E 195 33.34 18.61 -16.93
N LYS E 196 34.44 18.87 -16.24
CA LYS E 196 34.89 17.99 -15.18
C LYS E 196 33.81 17.88 -14.12
N ARG E 197 34.11 17.12 -13.07
CA ARG E 197 33.17 16.96 -11.98
C ARG E 197 33.85 16.27 -10.82
N GLY E 198 33.08 16.01 -9.77
CA GLY E 198 33.65 15.37 -8.60
C GLY E 198 32.94 15.89 -7.38
N ASP E 199 33.30 15.36 -6.22
CA ASP E 199 32.68 15.78 -4.97
C ASP E 199 33.16 14.84 -3.87
N ALA E 200 32.96 15.26 -2.63
CA ALA E 200 33.32 14.45 -1.48
C ALA E 200 32.02 13.75 -1.23
N CYS E 201 32.01 12.66 -0.47
CA CYS E 201 30.74 12.02 -0.24
C CYS E 201 30.53 11.65 1.21
N GLU E 202 29.73 10.62 1.49
CA GLU E 202 29.51 10.24 2.88
C GLU E 202 30.74 9.59 3.46
N GLY E 203 30.86 9.63 4.78
CA GLY E 203 32.03 9.05 5.42
C GLY E 203 33.28 9.73 4.92
N ASP E 204 33.17 11.04 4.67
CA ASP E 204 34.26 11.86 4.17
C ASP E 204 34.39 13.04 5.11
N SER E 205 33.26 13.49 5.61
CA SER E 205 33.16 14.63 6.49
C SER E 205 34.44 15.16 7.10
N GLY E 206 34.67 14.90 8.38
CA GLY E 206 35.87 15.40 9.07
C GLY E 206 37.10 15.90 8.30
N GLY E 207 37.38 15.25 7.16
CA GLY E 207 38.51 15.60 6.32
C GLY E 207 38.70 17.05 5.92
N PRO E 208 39.90 17.43 5.48
CA PRO E 208 40.20 18.80 5.08
C PRO E 208 39.98 19.22 3.63
N PHE E 209 39.79 20.52 3.47
CA PHE E 209 39.63 21.14 2.18
C PHE E 209 40.76 22.12 2.23
N VAL E 210 41.91 21.73 1.69
CA VAL E 210 43.07 22.61 1.73
C VAL E 210 43.28 23.33 0.44
N MET E 211 44.18 24.32 0.52
CA MET E 211 44.60 25.16 -0.60
C MET E 211 46.07 25.43 -0.32
N LYS E 212 46.84 25.65 -1.37
CA LYS E 212 48.28 25.92 -1.23
C LYS E 212 48.64 27.36 -1.60
N SER E 213 49.04 28.15 -0.61
CA SER E 213 49.40 29.55 -0.85
C SER E 213 50.61 29.73 -1.75
N PRO E 214 50.42 30.43 -2.90
CA PRO E 214 51.48 30.69 -3.88
C PRO E 214 52.51 31.68 -3.34
N TYR E 215 52.15 32.35 -2.24
CA TYR E 215 53.03 33.34 -1.62
C TYR E 215 53.95 32.72 -0.56
N ASN E 216 53.95 31.40 -0.46
CA ASN E 216 54.78 30.72 0.53
C ASN E 216 54.63 29.21 0.49
N ASN E 217 54.33 28.66 -0.67
CA ASN E 217 54.17 27.21 -0.85
C ASN E 217 53.78 26.40 0.41
N ARG E 218 52.71 26.80 1.09
CA ARG E 218 52.24 26.09 2.27
C ARG E 218 50.77 25.71 2.10
N TRP E 219 50.34 24.63 2.75
CA TRP E 219 48.96 24.23 2.63
C TRP E 219 48.13 24.70 3.84
N TYR E 220 47.02 25.37 3.56
CA TYR E 220 46.12 25.87 4.59
C TYR E 220 44.80 25.16 4.44
N GLN E 221 44.23 24.70 5.56
CA GLN E 221 42.95 24.01 5.49
C GLN E 221 41.85 25.06 5.54
N MET E 222 41.32 25.42 4.37
CA MET E 222 40.27 26.41 4.28
C MET E 222 38.95 25.91 4.85
N GLY E 223 38.64 24.64 4.57
CA GLY E 223 37.40 24.07 5.06
C GLY E 223 37.47 22.62 5.46
N ILE E 224 36.36 22.16 6.06
CA ILE E 224 36.14 20.80 6.54
C ILE E 224 34.96 20.23 5.75
N VAL E 225 35.04 19.00 5.27
CA VAL E 225 33.88 18.46 4.57
C VAL E 225 32.74 18.30 5.57
N SER E 226 31.60 18.94 5.31
CA SER E 226 30.48 18.92 6.24
C SER E 226 29.22 18.21 5.78
N TRP E 227 28.58 18.74 4.75
CA TRP E 227 27.35 18.14 4.22
C TRP E 227 27.15 18.29 2.70
N GLY E 228 25.96 17.90 2.26
CA GLY E 228 25.60 17.98 0.85
C GLY E 228 24.35 17.15 0.62
N GLU E 229 23.62 17.44 -0.44
CA GLU E 229 22.41 16.67 -0.75
C GLU E 229 22.78 15.66 -1.82
N GLY E 230 23.05 14.43 -1.36
CA GLY E 230 23.44 13.37 -2.28
C GLY E 230 24.96 13.34 -2.36
N CYS E 231 25.48 13.24 -3.58
CA CYS E 231 26.92 13.23 -3.81
C CYS E 231 27.20 13.40 -5.29
N ASP E 232 27.94 14.45 -5.63
CA ASP E 232 28.29 14.70 -7.02
C ASP E 232 27.06 14.70 -7.92
N ARG E 233 25.90 15.01 -7.35
CA ARG E 233 24.67 15.05 -8.13
C ARG E 233 24.85 16.17 -9.12
N ASP E 234 23.83 16.46 -9.91
CA ASP E 234 23.96 17.53 -10.87
C ASP E 234 23.07 18.70 -10.55
N GLY E 235 23.66 19.76 -10.03
CA GLY E 235 22.88 20.94 -9.70
C GLY E 235 23.17 21.40 -8.30
N LYS E 236 23.44 20.45 -7.41
CA LYS E 236 23.77 20.78 -6.03
C LYS E 236 25.27 20.71 -5.87
N TYR E 237 25.79 21.37 -4.84
CA TYR E 237 27.22 21.39 -4.60
C TYR E 237 27.53 20.89 -3.20
N GLY E 238 28.80 20.55 -2.97
CA GLY E 238 29.20 20.05 -1.68
C GLY E 238 29.48 21.17 -0.70
N PHE E 239 29.01 21.05 0.52
CA PHE E 239 29.23 22.08 1.51
C PHE E 239 30.25 21.73 2.59
N TYR E 240 31.19 22.64 2.79
CA TYR E 240 32.24 22.48 3.78
C TYR E 240 32.11 23.57 4.83
N THR E 241 32.80 23.39 5.95
CA THR E 241 32.78 24.39 7.01
C THR E 241 33.78 25.48 6.62
N HIS E 242 33.43 26.75 6.81
CA HIS E 242 34.35 27.83 6.50
C HIS E 242 35.28 27.89 7.69
N VAL E 243 36.41 27.19 7.59
CA VAL E 243 37.35 27.12 8.69
C VAL E 243 37.91 28.46 9.13
N PHE E 244 38.32 29.31 8.20
CA PHE E 244 38.88 30.58 8.63
C PHE E 244 37.94 31.37 9.53
N ARG E 245 36.70 31.55 9.08
CA ARG E 245 35.69 32.31 9.83
C ARG E 245 35.48 31.78 11.24
N LEU E 246 35.85 30.52 11.46
CA LEU E 246 35.72 29.89 12.76
C LEU E 246 37.02 29.93 13.56
N LYS E 247 38.13 30.29 12.89
CA LYS E 247 39.45 30.35 13.52
C LYS E 247 39.41 31.15 14.81
N LYS E 248 38.39 31.98 14.93
CA LYS E 248 38.24 32.80 16.11
C LYS E 248 37.91 31.85 17.25
N TRP E 249 37.00 30.90 16.99
CA TRP E 249 36.58 29.93 18.00
C TRP E 249 37.74 29.04 18.36
N ILE E 250 38.33 28.42 17.33
CA ILE E 250 39.47 27.52 17.50
C ILE E 250 40.44 28.08 18.54
N GLN E 251 41.00 29.25 18.23
CA GLN E 251 41.94 29.94 19.10
C GLN E 251 41.33 29.95 20.50
N LYS E 252 40.19 30.60 20.61
CA LYS E 252 39.46 30.70 21.85
C LYS E 252 39.51 29.43 22.70
N VAL E 253 39.61 28.27 22.04
CA VAL E 253 39.60 27.00 22.75
C VAL E 253 40.92 26.27 22.97
N ILE E 254 41.92 26.54 22.12
CA ILE E 254 43.22 25.88 22.29
C ILE E 254 44.00 26.61 23.38
N ASP E 255 44.16 27.92 23.20
CA ASP E 255 44.86 28.79 24.14
C ASP E 255 43.96 29.03 25.33
N ARG E 256 43.27 27.98 25.77
CA ARG E 256 42.32 28.08 26.89
C ARG E 256 42.98 28.32 28.24
N LEU E 257 43.74 27.34 28.72
CA LEU E 257 44.42 27.46 30.01
C LEU E 257 45.29 28.73 30.00
N GLY E 258 44.83 29.74 30.73
CA GLY E 258 45.54 31.00 30.83
C GLY E 258 44.55 32.09 31.17
N SER E 259 43.52 32.21 30.36
CA SER E 259 42.46 33.19 30.56
C SER E 259 41.09 32.56 30.29
N MET F 1 22.85 23.76 -24.26
CA MET F 1 21.95 24.38 -23.24
C MET F 1 21.20 23.32 -22.46
N ILE F 2 20.40 22.52 -23.16
CA ILE F 2 19.61 21.46 -22.55
C ILE F 2 20.15 20.06 -22.93
N VAL F 3 21.40 20.01 -23.40
CA VAL F 3 22.03 18.75 -23.78
C VAL F 3 23.06 18.29 -22.75
N THR F 4 22.97 17.03 -22.35
CA THR F 4 23.88 16.46 -21.37
C THR F 4 24.49 15.15 -21.86
N LYS F 5 25.74 14.90 -21.50
CA LYS F 5 26.44 13.67 -21.91
C LYS F 5 26.55 12.70 -20.73
N ASP F 6 27.77 12.51 -20.23
CA ASP F 6 28.04 11.62 -19.10
C ASP F 6 27.45 10.21 -19.24
N TYR F 7 27.85 9.49 -20.29
CA TYR F 7 27.37 8.12 -20.51
C TYR F 7 28.29 7.08 -19.89
N SER F 8 28.42 7.10 -18.56
CA SER F 8 29.27 6.14 -17.86
C SER F 8 28.54 4.81 -17.76
N LYS F 9 28.05 4.35 -18.91
CA LYS F 9 27.33 3.10 -19.01
C LYS F 9 28.30 1.95 -19.21
N GLU F 10 28.22 0.96 -18.32
CA GLU F 10 29.07 -0.22 -18.37
C GLU F 10 28.25 -1.38 -17.84
N SER F 11 26.94 -1.13 -17.69
CA SER F 11 25.99 -2.12 -17.18
C SER F 11 25.63 -3.15 -18.23
N ARG F 12 25.43 -4.38 -17.78
CA ARG F 12 25.11 -5.47 -18.69
C ARG F 12 23.61 -5.68 -18.81
N VAL F 13 22.84 -4.61 -18.68
CA VAL F 13 21.38 -4.70 -18.81
C VAL F 13 21.02 -4.09 -20.14
N ASN F 14 20.34 -4.85 -21.00
CA ASN F 14 19.93 -4.35 -22.33
C ASN F 14 19.06 -3.12 -22.30
N GLU F 15 19.43 -2.11 -23.09
CA GLU F 15 18.68 -0.88 -23.13
C GLU F 15 17.21 -1.19 -23.39
N ASN F 16 16.92 -1.72 -24.58
CA ASN F 16 15.55 -2.07 -24.93
C ASN F 16 15.08 -3.23 -24.06
N SER F 17 14.87 -2.94 -22.77
CA SER F 17 14.42 -3.93 -21.80
C SER F 17 13.40 -3.25 -20.92
N LYS F 18 13.66 -2.00 -20.60
CA LYS F 18 12.78 -1.22 -19.74
C LYS F 18 11.44 -0.99 -20.39
N TYR F 19 11.30 -1.44 -21.64
CA TYR F 19 10.06 -1.25 -22.37
C TYR F 19 9.18 -2.48 -22.23
N GLY F 20 9.57 -3.37 -21.34
CA GLY F 20 8.82 -4.60 -21.15
C GLY F 20 7.51 -4.39 -20.43
N THR F 21 7.04 -5.45 -19.78
CA THR F 21 5.79 -5.43 -19.03
C THR F 21 6.08 -5.25 -17.55
N LEU F 22 5.78 -4.06 -17.05
CA LEU F 22 6.02 -3.71 -15.66
C LEU F 22 5.47 -4.75 -14.69
N ILE F 23 6.27 -5.06 -13.67
CA ILE F 23 5.94 -6.05 -12.64
C ILE F 23 4.81 -5.57 -11.72
N SER F 24 3.88 -6.47 -11.41
CA SER F 24 2.76 -6.12 -10.53
C SER F 24 3.34 -5.46 -9.30
N ASP F 25 2.92 -4.23 -9.00
CA ASP F 25 3.46 -3.52 -7.85
C ASP F 25 3.72 -4.39 -6.61
N TRP F 26 2.74 -5.18 -6.21
CA TRP F 26 2.91 -6.01 -5.01
C TRP F 26 4.09 -6.98 -5.15
N TYR F 27 4.18 -7.64 -6.29
CA TYR F 27 5.26 -8.59 -6.51
C TYR F 27 6.51 -7.84 -6.88
N LEU F 28 6.38 -6.54 -7.10
CA LEU F 28 7.53 -5.71 -7.48
C LEU F 28 8.38 -5.36 -6.27
N LYS F 29 7.76 -4.68 -5.32
CA LYS F 29 8.45 -4.26 -4.09
C LYS F 29 9.36 -5.35 -3.54
N GLY F 30 9.11 -6.58 -3.95
CA GLY F 30 9.92 -7.69 -3.50
C GLY F 30 11.15 -7.92 -4.36
N ARG F 31 10.96 -7.98 -5.67
CA ARG F 31 12.08 -8.18 -6.58
C ARG F 31 13.12 -7.11 -6.26
N LEU F 32 12.66 -5.89 -5.95
CA LEU F 32 13.56 -4.79 -5.60
C LEU F 32 14.50 -5.18 -4.46
N THR F 33 13.91 -5.77 -3.43
CA THR F 33 14.62 -6.24 -2.24
C THR F 33 15.59 -7.34 -2.62
N SER F 34 15.16 -8.21 -3.53
CA SER F 34 16.03 -9.25 -4.00
C SER F 34 17.26 -8.49 -4.45
N LEU F 35 17.11 -7.72 -5.52
CA LEU F 35 18.19 -6.89 -6.07
C LEU F 35 19.16 -6.35 -5.03
N GLU F 36 18.65 -5.45 -4.18
CA GLU F 36 19.46 -4.85 -3.15
C GLU F 36 20.28 -5.95 -2.50
N SER F 37 19.58 -6.96 -2.01
CA SER F 37 20.22 -8.07 -1.34
C SER F 37 21.40 -8.68 -2.09
N GLN F 38 21.44 -8.52 -3.41
CA GLN F 38 22.57 -9.05 -4.20
C GLN F 38 23.73 -8.08 -4.08
N PHE F 39 23.45 -6.80 -4.25
CA PHE F 39 24.49 -5.80 -4.15
C PHE F 39 25.11 -5.91 -2.78
N ILE F 40 24.26 -5.95 -1.76
CA ILE F 40 24.75 -6.05 -0.40
C ILE F 40 25.79 -7.17 -0.31
N ASN F 41 25.36 -8.38 -0.69
CA ASN F 41 26.20 -9.56 -0.68
C ASN F 41 27.48 -9.33 -1.48
N ALA F 42 27.34 -9.09 -2.78
CA ALA F 42 28.50 -8.87 -3.64
C ALA F 42 29.56 -7.93 -3.06
N LEU F 43 29.12 -6.75 -2.63
CA LEU F 43 30.02 -5.77 -2.03
C LEU F 43 30.85 -6.41 -0.95
N ASP F 44 30.18 -7.15 -0.06
CA ASP F 44 30.86 -7.82 1.03
C ASP F 44 32.04 -8.66 0.58
N ILE F 45 31.87 -9.40 -0.51
CA ILE F 45 32.95 -10.22 -1.00
C ILE F 45 34.26 -9.43 -1.10
N LEU F 46 34.16 -8.09 -1.15
CA LEU F 46 35.33 -7.19 -1.24
C LEU F 46 35.87 -6.84 0.11
N GLU F 47 34.99 -6.37 0.99
CA GLU F 47 35.39 -6.00 2.34
C GLU F 47 35.90 -7.23 3.07
N THR F 48 35.98 -8.33 2.34
CA THR F 48 36.48 -9.57 2.91
C THR F 48 37.94 -9.28 3.20
N TYR F 49 38.30 -9.36 4.49
CA TYR F 49 39.66 -9.09 4.98
C TYR F 49 40.79 -9.80 4.22
N HIS F 50 40.56 -11.07 3.94
CA HIS F 50 41.51 -11.86 3.21
C HIS F 50 42.02 -11.18 1.92
N TYR F 51 41.24 -10.26 1.36
CA TYR F 51 41.66 -9.60 0.13
C TYR F 51 42.43 -8.32 0.31
N GLY F 52 42.49 -7.84 1.55
CA GLY F 52 43.22 -6.61 1.82
C GLY F 52 44.68 -6.73 1.49
N GLU F 53 45.00 -7.01 0.23
CA GLU F 53 46.38 -7.14 -0.20
C GLU F 53 46.61 -6.36 -1.48
N LYS F 54 47.88 -6.16 -1.81
CA LYS F 54 48.29 -5.40 -2.99
C LYS F 54 48.15 -6.15 -4.32
N GLU F 55 48.16 -7.49 -4.25
CA GLU F 55 48.06 -8.31 -5.44
C GLU F 55 46.62 -8.46 -5.94
N TYR F 56 45.69 -8.33 -5.01
CA TYR F 56 44.26 -8.48 -5.33
C TYR F 56 43.59 -7.27 -5.99
N LYS F 57 44.10 -6.07 -5.76
CA LYS F 57 43.52 -4.84 -6.31
C LYS F 57 43.01 -4.93 -7.73
N ASP F 58 43.91 -5.06 -8.69
CA ASP F 58 43.49 -5.12 -10.08
C ASP F 58 42.30 -6.04 -10.31
N ALA F 59 42.13 -7.05 -9.45
CA ALA F 59 41.03 -8.00 -9.58
C ALA F 59 39.80 -7.57 -8.77
N LYS F 60 40.01 -6.65 -7.84
CA LYS F 60 38.92 -6.14 -7.01
C LYS F 60 38.31 -4.94 -7.72
N ASP F 61 39.14 -4.15 -8.37
CA ASP F 61 38.64 -3.00 -9.12
C ASP F 61 37.69 -3.60 -10.13
N LYS F 62 38.14 -4.66 -10.80
CA LYS F 62 37.33 -5.32 -11.81
C LYS F 62 35.88 -5.51 -11.33
N LEU F 63 35.72 -6.21 -10.20
CA LEU F 63 34.39 -6.45 -9.64
C LEU F 63 33.71 -5.12 -9.32
N MET F 64 34.27 -4.39 -8.36
CA MET F 64 33.76 -3.09 -7.96
C MET F 64 33.11 -2.35 -9.12
N THR F 65 33.80 -2.34 -10.25
CA THR F 65 33.30 -1.68 -11.45
C THR F 65 32.02 -2.37 -11.87
N ARG F 66 32.13 -3.67 -12.14
CA ARG F 66 30.97 -4.46 -12.55
C ARG F 66 29.75 -4.16 -11.68
N ILE F 67 29.98 -3.98 -10.39
CA ILE F 67 28.91 -3.73 -9.44
C ILE F 67 28.33 -2.31 -9.48
N LEU F 68 29.15 -1.32 -9.84
CA LEU F 68 28.67 0.04 -9.90
C LEU F 68 27.96 0.29 -11.21
N GLY F 69 28.48 -0.28 -12.28
CA GLY F 69 27.87 -0.11 -13.59
C GLY F 69 26.44 -0.58 -13.57
N GLU F 70 26.18 -1.59 -12.76
CA GLU F 70 24.85 -2.11 -12.65
C GLU F 70 24.06 -1.17 -11.77
N ASP F 71 24.61 -0.83 -10.61
CA ASP F 71 23.92 0.08 -9.68
C ASP F 71 23.62 1.40 -10.37
N GLN F 72 24.53 1.85 -11.22
CA GLN F 72 24.32 3.10 -11.94
C GLN F 72 22.99 2.96 -12.65
N TYR F 73 22.85 1.91 -13.47
CA TYR F 73 21.60 1.65 -14.19
C TYR F 73 20.39 1.99 -13.31
N LEU F 74 20.19 1.18 -12.27
CA LEU F 74 19.07 1.40 -11.38
C LEU F 74 18.98 2.84 -10.92
N LEU F 75 20.10 3.46 -10.56
CA LEU F 75 20.01 4.85 -10.13
C LEU F 75 19.37 5.66 -11.27
N GLU F 76 20.03 5.69 -12.43
CA GLU F 76 19.53 6.42 -13.59
C GLU F 76 18.04 6.11 -13.79
N ARG F 77 17.64 4.89 -13.47
CA ARG F 77 16.25 4.46 -13.59
C ARG F 77 15.39 5.27 -12.64
N LYS F 78 15.77 5.27 -11.36
CA LYS F 78 15.05 6.01 -10.34
C LYS F 78 15.14 7.50 -10.61
N LYS F 79 16.34 7.97 -10.91
CA LYS F 79 16.55 9.38 -11.19
C LYS F 79 15.65 9.86 -12.33
N VAL F 80 15.30 8.95 -13.24
CA VAL F 80 14.42 9.28 -14.36
C VAL F 80 12.98 9.16 -13.95
N GLN F 81 12.66 8.04 -13.33
CA GLN F 81 11.33 7.77 -12.86
C GLN F 81 10.74 8.87 -11.99
N TYR F 82 11.58 9.47 -11.13
CA TYR F 82 11.13 10.54 -10.25
C TYR F 82 10.62 11.74 -11.06
N GLU F 83 11.41 12.19 -12.02
CA GLU F 83 11.06 13.33 -12.86
C GLU F 83 9.67 13.17 -13.45
N GLU F 84 9.29 11.93 -13.73
CA GLU F 84 7.98 11.61 -14.29
C GLU F 84 6.93 11.48 -13.19
N TYR F 85 7.40 11.31 -11.97
CA TYR F 85 6.54 11.19 -10.80
C TYR F 85 6.08 12.56 -10.38
N LYS F 86 7.05 13.49 -10.31
CA LYS F 86 6.79 14.88 -9.93
C LYS F 86 5.62 15.39 -10.75
N LYS F 87 5.77 15.32 -12.06
CA LYS F 87 4.73 15.76 -12.96
C LYS F 87 3.37 15.16 -12.60
N LEU F 88 3.24 13.84 -12.71
CA LEU F 88 1.97 13.20 -12.41
C LEU F 88 1.53 13.42 -10.97
N TYR F 89 2.25 14.26 -10.23
CA TYR F 89 1.87 14.57 -8.86
C TYR F 89 1.26 15.97 -8.95
N GLN F 90 1.87 16.78 -9.81
CA GLN F 90 1.42 18.13 -10.04
C GLN F 90 0.02 17.99 -10.62
N LYS F 91 -0.07 17.28 -11.74
CA LYS F 91 -1.35 17.07 -12.40
C LYS F 91 -2.31 16.37 -11.46
N TYR F 92 -1.81 16.01 -10.27
CA TYR F 92 -2.67 15.36 -9.28
C TYR F 92 -3.27 16.43 -8.38
N LYS F 93 -2.48 17.46 -8.08
CA LYS F 93 -2.94 18.56 -7.24
C LYS F 93 -4.02 19.35 -7.98
N GLU F 94 -3.79 19.57 -9.27
CA GLU F 94 -4.73 20.29 -10.12
C GLU F 94 -5.94 19.41 -10.41
N GLU F 95 -6.50 18.86 -9.34
CA GLU F 95 -7.67 17.97 -9.38
C GLU F 95 -8.14 17.85 -7.94
N ASN F 96 -7.21 18.02 -7.01
CA ASN F 96 -7.52 17.92 -5.59
C ASN F 96 -6.98 19.11 -4.82
N PRO F 97 -7.87 20.04 -4.43
CA PRO F 97 -7.39 21.19 -3.67
C PRO F 97 -6.83 20.66 -2.37
N THR F 98 -7.32 19.50 -1.96
CA THR F 98 -6.89 18.85 -0.73
C THR F 98 -5.54 18.17 -0.87
N SER F 99 -4.49 18.96 -0.67
CA SER F 99 -3.13 18.47 -0.74
C SER F 99 -2.87 17.73 0.56
N LYS F 100 -3.88 17.00 1.03
CA LYS F 100 -3.76 16.23 2.24
C LYS F 100 -2.46 15.44 2.16
N LEU F 101 -2.15 14.97 0.96
CA LEU F 101 -0.96 14.17 0.71
C LEU F 101 0.24 15.03 0.31
N LYS F 102 1.43 14.58 0.68
CA LYS F 102 2.65 15.31 0.38
C LYS F 102 3.54 14.58 -0.64
N LEU F 103 4.33 15.35 -1.38
CA LEU F 103 5.22 14.80 -2.40
C LEU F 103 6.43 14.15 -1.73
N LYS F 104 6.83 12.99 -2.25
CA LYS F 104 7.96 12.24 -1.71
C LYS F 104 9.27 12.76 -2.30
N THR F 105 10.31 12.82 -1.49
CA THR F 105 11.59 13.28 -1.98
C THR F 105 12.30 12.15 -2.70
N PHE F 106 13.29 12.51 -3.50
CA PHE F 106 14.08 11.55 -4.26
C PHE F 106 14.50 10.40 -3.37
N ASP F 107 14.80 10.71 -2.12
CA ASP F 107 15.25 9.71 -1.15
C ASP F 107 14.12 8.82 -0.59
N GLN F 108 12.87 9.25 -0.77
CA GLN F 108 11.71 8.47 -0.29
C GLN F 108 11.15 7.67 -1.45
N TYR F 109 11.16 8.29 -2.62
CA TYR F 109 10.67 7.66 -3.83
C TYR F 109 11.38 6.35 -4.09
N THR F 110 10.64 5.35 -4.53
CA THR F 110 11.22 4.05 -4.83
C THR F 110 10.93 3.77 -6.30
N ILE F 111 11.59 2.79 -6.90
CA ILE F 111 11.37 2.48 -8.32
C ILE F 111 10.00 1.82 -8.55
N GLU F 112 9.24 2.31 -9.51
CA GLU F 112 7.92 1.73 -9.76
C GLU F 112 7.72 1.16 -11.16
N ASP F 113 8.74 1.28 -12.00
CA ASP F 113 8.65 0.74 -13.37
C ASP F 113 9.84 -0.18 -13.59
N LEU F 114 9.70 -1.44 -13.21
CA LEU F 114 10.81 -2.37 -13.39
C LEU F 114 10.37 -3.65 -14.07
N THR F 115 10.67 -3.79 -15.34
CA THR F 115 10.28 -5.01 -16.03
C THR F 115 11.09 -6.15 -15.47
N MET F 116 10.71 -7.37 -15.84
CA MET F 116 11.40 -8.56 -15.38
C MET F 116 12.62 -8.76 -16.26
N ARG F 117 12.50 -8.35 -17.53
CA ARG F 117 13.59 -8.44 -18.47
C ARG F 117 14.76 -7.74 -17.80
N GLU F 118 14.47 -6.64 -17.11
CA GLU F 118 15.46 -5.83 -16.41
C GLU F 118 16.05 -6.58 -15.23
N TYR F 119 15.19 -7.00 -14.32
CA TYR F 119 15.61 -7.74 -13.13
C TYR F 119 16.57 -8.89 -13.40
N ASN F 120 16.14 -9.82 -14.25
CA ASN F 120 16.96 -10.97 -14.58
C ASN F 120 18.33 -10.48 -15.02
N GLU F 121 18.35 -9.64 -16.05
CA GLU F 121 19.57 -9.11 -16.63
C GLU F 121 20.56 -8.54 -15.65
N LEU F 122 20.05 -7.93 -14.59
CA LEU F 122 20.92 -7.35 -13.58
C LEU F 122 21.59 -8.48 -12.83
N THR F 123 20.77 -9.37 -12.28
CA THR F 123 21.28 -10.50 -11.50
C THR F 123 22.21 -11.38 -12.33
N GLU F 124 21.85 -11.60 -13.59
CA GLU F 124 22.69 -12.42 -14.45
C GLU F 124 24.05 -11.79 -14.67
N SER F 125 24.21 -10.53 -14.27
CA SER F 125 25.47 -9.81 -14.42
C SER F 125 26.24 -9.80 -13.12
N LEU F 126 25.53 -9.64 -12.00
CA LEU F 126 26.18 -9.65 -10.71
C LEU F 126 26.49 -11.10 -10.36
N LYS F 127 25.53 -12.00 -10.56
CA LYS F 127 25.75 -13.42 -10.28
C LYS F 127 26.94 -13.81 -11.13
N SER F 128 27.03 -13.15 -12.27
CA SER F 128 28.11 -13.37 -13.20
C SER F 128 29.38 -12.75 -12.64
N ALA F 129 29.48 -11.43 -12.70
CA ALA F 129 30.65 -10.67 -12.21
C ALA F 129 31.38 -11.35 -11.05
N VAL F 130 30.61 -11.82 -10.08
CA VAL F 130 31.17 -12.49 -8.93
C VAL F 130 31.89 -13.78 -9.36
N LYS F 131 31.17 -14.69 -10.02
CA LYS F 131 31.81 -15.93 -10.45
C LYS F 131 33.09 -15.53 -11.15
N ASP F 132 33.07 -14.40 -11.84
CA ASP F 132 34.26 -13.89 -12.52
C ASP F 132 35.35 -13.65 -11.49
N PHE F 133 34.99 -12.96 -10.41
CA PHE F 133 35.93 -12.65 -9.35
C PHE F 133 36.58 -13.92 -8.80
N GLU F 134 35.76 -14.85 -8.32
CA GLU F 134 36.26 -16.11 -7.77
C GLU F 134 37.37 -16.67 -8.64
N LYS F 135 37.24 -16.47 -9.94
CA LYS F 135 38.22 -16.95 -10.89
C LYS F 135 39.50 -16.14 -10.70
N ASP F 136 39.41 -14.83 -10.96
CA ASP F 136 40.55 -13.92 -10.81
C ASP F 136 41.39 -14.25 -9.60
N VAL F 137 40.72 -14.57 -8.51
CA VAL F 137 41.38 -14.92 -7.26
C VAL F 137 42.03 -16.31 -7.29
N GLU F 138 41.22 -17.34 -7.49
CA GLU F 138 41.74 -18.71 -7.53
C GLU F 138 43.03 -18.70 -8.33
N LYS F 139 43.09 -17.82 -9.32
CA LYS F 139 44.26 -17.69 -10.15
C LYS F 139 45.38 -17.03 -9.37
N ILE F 140 45.18 -15.76 -8.98
CA ILE F 140 46.21 -15.02 -8.25
C ILE F 140 46.80 -15.79 -7.09
N GLU F 141 46.11 -16.85 -6.65
CA GLU F 141 46.59 -17.67 -5.56
C GLU F 141 47.52 -18.81 -6.01
N ASN F 142 47.27 -19.37 -7.19
CA ASN F 142 48.12 -20.45 -7.69
C ASN F 142 49.46 -19.86 -8.12
N GLN F 143 49.58 -18.54 -8.02
CA GLN F 143 50.79 -17.83 -8.42
C GLN F 143 51.44 -17.07 -7.26
N HIS F 144 50.85 -17.16 -6.08
CA HIS F 144 51.40 -16.47 -4.93
C HIS F 144 51.24 -17.34 -3.69
N HIS F 145 52.01 -18.43 -3.66
CA HIS F 145 52.04 -19.44 -2.59
C HIS F 145 51.42 -19.15 -1.22
N ASP F 146 52.02 -18.22 -0.48
CA ASP F 146 51.55 -17.88 0.87
C ASP F 146 50.10 -17.40 0.91
N LEU F 147 49.61 -16.91 -0.23
CA LEU F 147 48.24 -16.41 -0.33
C LEU F 147 47.18 -17.52 -0.42
N LYS F 148 47.56 -18.69 -0.94
CA LYS F 148 46.63 -19.80 -1.04
C LYS F 148 46.22 -20.05 0.40
N PRO F 149 44.89 -20.06 0.66
CA PRO F 149 44.30 -20.28 1.99
C PRO F 149 44.63 -21.58 2.74
N PHE F 150 44.58 -21.53 4.06
CA PHE F 150 44.91 -22.68 4.89
C PHE F 150 43.87 -23.78 4.84
N THR F 151 44.06 -24.76 5.70
CA THR F 151 43.16 -25.91 5.83
C THR F 151 42.58 -25.78 7.24
N ASP F 152 41.38 -26.29 7.48
CA ASP F 152 40.79 -26.15 8.80
C ASP F 152 41.87 -26.45 9.86
N GLU F 153 42.78 -27.38 9.58
CA GLU F 153 43.84 -27.67 10.56
C GLU F 153 44.84 -26.52 10.51
N MET F 154 45.46 -26.34 9.36
CA MET F 154 46.45 -25.29 9.14
C MET F 154 46.05 -23.94 9.74
N GLU F 155 44.94 -23.40 9.27
CA GLU F 155 44.43 -22.13 9.76
C GLU F 155 44.33 -22.14 11.28
N GLU F 156 43.94 -23.27 11.85
CA GLU F 156 43.84 -23.38 13.29
C GLU F 156 45.23 -23.24 13.92
N LYS F 157 46.25 -23.80 13.24
CA LYS F 157 47.62 -23.73 13.74
C LYS F 157 48.08 -22.29 13.80
N ALA F 158 47.98 -21.57 12.68
CA ALA F 158 48.38 -20.18 12.68
C ALA F 158 47.55 -19.48 13.75
N THR F 159 46.31 -19.15 13.39
CA THR F 159 45.36 -18.53 14.31
C THR F 159 45.74 -18.74 15.76
N SER F 160 46.07 -19.98 16.12
CA SER F 160 46.43 -20.28 17.50
C SER F 160 47.69 -19.54 17.94
N ARG F 161 48.71 -19.52 17.07
CA ARG F 161 49.95 -18.81 17.39
C ARG F 161 49.56 -17.38 17.72
N VAL F 162 49.08 -16.68 16.69
CA VAL F 162 48.64 -15.29 16.80
C VAL F 162 47.84 -15.04 18.09
N ASP F 163 46.77 -15.80 18.28
CA ASP F 163 45.96 -15.60 19.46
C ASP F 163 46.80 -15.77 20.72
N ASP F 164 47.76 -16.68 20.71
CA ASP F 164 48.59 -16.84 21.89
C ASP F 164 49.40 -15.57 22.12
N LEU F 165 50.21 -15.22 21.13
CA LEU F 165 51.05 -14.04 21.16
C LEU F 165 50.20 -12.85 21.58
N ALA F 166 49.04 -12.71 20.94
CA ALA F 166 48.11 -11.64 21.27
C ALA F 166 47.79 -11.71 22.75
N ASN F 167 47.36 -12.88 23.22
CA ASN F 167 47.05 -13.03 24.63
C ASN F 167 48.32 -12.82 25.47
N LYS F 168 49.47 -12.88 24.82
CA LYS F 168 50.73 -12.69 25.51
C LYS F 168 50.98 -11.21 25.73
N ALA F 169 50.38 -10.37 24.89
CA ALA F 169 50.52 -8.92 25.01
C ALA F 169 49.53 -8.39 26.04
N TYR F 170 48.34 -9.00 26.08
CA TYR F 170 47.31 -8.62 27.04
C TYR F 170 47.86 -8.83 28.43
N SER F 171 48.95 -9.57 28.53
CA SER F 171 49.58 -9.79 29.81
C SER F 171 50.32 -8.50 30.08
N VAL F 172 51.03 -8.01 29.07
CA VAL F 172 51.78 -6.76 29.17
C VAL F 172 50.79 -5.64 29.50
N TYR F 173 49.73 -5.55 28.71
CA TYR F 173 48.69 -4.54 28.91
C TYR F 173 48.26 -4.52 30.36
N PHE F 174 47.53 -5.53 30.76
CA PHE F 174 47.08 -5.62 32.14
C PHE F 174 48.21 -5.25 33.10
N ALA F 175 49.42 -5.74 32.81
CA ALA F 175 50.59 -5.49 33.66
C ALA F 175 50.83 -4.03 33.96
N PHE F 176 50.71 -3.17 32.95
CA PHE F 176 50.97 -1.76 33.14
C PHE F 176 49.80 -0.80 33.03
N VAL F 177 48.62 -1.29 32.69
CA VAL F 177 47.48 -0.41 32.59
C VAL F 177 47.21 0.21 33.96
N ARG F 178 47.58 -0.52 35.03
CA ARG F 178 47.39 -0.01 36.39
C ARG F 178 48.59 0.85 36.82
N ASP F 179 49.73 0.65 36.15
CA ASP F 179 50.95 1.40 36.43
C ASP F 179 50.67 2.85 36.03
N THR F 180 50.26 3.65 37.01
CA THR F 180 49.91 5.05 36.76
C THR F 180 50.91 5.78 35.88
N GLN F 181 52.18 5.37 35.95
CA GLN F 181 53.22 6.02 35.15
C GLN F 181 53.19 5.61 33.68
N HIS F 182 52.53 4.49 33.39
CA HIS F 182 52.43 3.97 32.03
C HIS F 182 51.01 3.65 31.59
N LYS F 183 50.03 4.09 32.38
CA LYS F 183 48.62 3.84 32.08
C LYS F 183 48.33 4.02 30.59
N THR F 184 48.57 5.22 30.06
CA THR F 184 48.33 5.50 28.66
C THR F 184 48.95 4.51 27.66
N GLU F 185 50.28 4.49 27.61
CA GLU F 185 51.04 3.65 26.70
C GLU F 185 50.54 2.20 26.72
N ALA F 186 49.92 1.82 27.83
CA ALA F 186 49.36 0.48 27.95
C ALA F 186 48.10 0.49 27.10
N LEU F 187 47.18 1.41 27.44
CA LEU F 187 45.92 1.57 26.73
C LEU F 187 46.11 1.60 25.23
N GLU F 188 47.06 2.40 24.75
CA GLU F 188 47.29 2.45 23.32
C GLU F 188 47.70 1.07 22.79
N LEU F 189 48.43 0.31 23.60
CA LEU F 189 48.83 -1.04 23.22
C LEU F 189 47.57 -1.87 23.04
N LYS F 190 46.85 -2.06 24.14
CA LYS F 190 45.62 -2.83 24.18
C LYS F 190 44.69 -2.44 23.06
N ALA F 191 44.41 -1.14 22.92
CA ALA F 191 43.53 -0.63 21.88
C ALA F 191 44.09 -0.87 20.48
N LYS F 192 45.42 -0.93 20.39
CA LYS F 192 46.11 -1.15 19.12
C LYS F 192 46.06 -2.61 18.70
N VAL F 193 45.98 -3.49 19.69
CA VAL F 193 45.89 -4.93 19.43
C VAL F 193 44.48 -5.25 18.95
N ASP F 194 43.49 -4.75 19.69
CA ASP F 194 42.09 -4.94 19.35
C ASP F 194 41.89 -4.50 17.92
N LEU F 195 42.57 -3.41 17.55
CA LEU F 195 42.51 -2.84 16.21
C LEU F 195 42.93 -3.82 15.13
N VAL F 196 44.10 -4.43 15.31
CA VAL F 196 44.64 -5.38 14.34
C VAL F 196 43.93 -6.73 14.46
N LEU F 197 43.78 -7.20 15.70
CA LEU F 197 43.14 -8.47 15.99
C LEU F 197 41.78 -8.66 15.30
N GLY F 198 41.04 -7.57 15.13
CA GLY F 198 39.73 -7.66 14.49
C GLY F 198 38.65 -7.57 15.53
N ASP F 199 37.41 -7.38 15.10
CA ASP F 199 36.33 -7.30 16.06
C ASP F 199 36.45 -8.50 16.99
N GLU F 200 36.32 -8.26 18.28
CA GLU F 200 36.43 -9.33 19.27
C GLU F 200 35.65 -10.59 18.85
N ASP F 201 34.35 -10.40 18.64
CA ASP F 201 33.37 -11.44 18.26
C ASP F 201 33.62 -12.19 16.95
N LYS F 202 34.07 -11.49 15.93
CA LYS F 202 34.34 -12.10 14.64
C LYS F 202 35.63 -11.53 14.05
N PRO F 203 36.77 -11.81 14.72
CA PRO F 203 38.12 -11.35 14.34
C PRO F 203 38.56 -11.76 12.95
N HIS F 204 39.43 -10.94 12.37
CA HIS F 204 39.97 -11.17 11.04
C HIS F 204 40.45 -12.59 10.91
N ARG F 205 40.02 -13.25 9.85
CA ARG F 205 40.41 -14.63 9.65
C ARG F 205 41.85 -14.69 9.20
N ILE F 206 42.59 -15.63 9.79
CA ILE F 206 44.00 -15.84 9.49
C ILE F 206 44.10 -16.82 8.34
N SER F 207 43.46 -16.50 7.23
CA SER F 207 43.42 -17.37 6.06
C SER F 207 44.79 -17.84 5.64
N ASN F 208 45.33 -17.18 4.61
CA ASN F 208 46.63 -17.53 4.05
C ASN F 208 47.85 -17.34 4.96
N GLU F 209 48.98 -17.83 4.48
CA GLU F 209 50.25 -17.77 5.18
C GLU F 209 50.61 -16.33 5.52
N ARG F 210 50.81 -15.52 4.48
CA ARG F 210 51.20 -14.13 4.66
C ARG F 210 50.48 -13.47 5.82
N ILE F 211 49.16 -13.61 5.89
CA ILE F 211 48.39 -13.01 6.99
C ILE F 211 48.98 -13.47 8.33
N GLU F 212 49.35 -14.75 8.42
CA GLU F 212 49.95 -15.29 9.64
C GLU F 212 51.24 -14.54 9.90
N LYS F 213 52.06 -14.42 8.86
CA LYS F 213 53.33 -13.71 8.99
C LYS F 213 53.09 -12.32 9.54
N GLU F 214 52.50 -11.45 8.73
CA GLU F 214 52.22 -10.09 9.13
C GLU F 214 51.65 -9.94 10.53
N MET F 215 50.48 -10.52 10.77
CA MET F 215 49.83 -10.43 12.08
C MET F 215 50.78 -10.55 13.27
N ILE F 216 51.75 -11.44 13.16
CA ILE F 216 52.69 -11.64 14.24
C ILE F 216 53.58 -10.44 14.38
N LYS F 217 54.18 -10.04 13.28
CA LYS F 217 55.06 -8.89 13.27
C LYS F 217 54.30 -7.61 13.65
N ASP F 218 53.05 -7.48 13.23
CA ASP F 218 52.25 -6.31 13.56
C ASP F 218 51.92 -6.32 15.03
N LEU F 219 51.82 -7.52 15.59
CA LEU F 219 51.55 -7.63 17.01
C LEU F 219 52.89 -7.57 17.68
N GLU F 220 53.88 -8.18 17.03
CA GLU F 220 55.23 -8.23 17.54
C GLU F 220 55.62 -6.78 17.78
N SER F 221 55.59 -6.00 16.70
CA SER F 221 55.96 -4.60 16.78
C SER F 221 55.14 -3.89 17.84
N ILE F 222 53.82 -3.92 17.72
CA ILE F 222 52.96 -3.25 18.70
C ILE F 222 53.39 -3.46 20.14
N ILE F 223 54.01 -4.59 20.42
CA ILE F 223 54.47 -4.89 21.77
C ILE F 223 55.76 -4.10 22.02
N GLU F 224 56.71 -4.22 21.10
CA GLU F 224 57.96 -3.50 21.20
C GLU F 224 57.58 -2.03 21.30
N ASP F 225 56.63 -1.64 20.46
CA ASP F 225 56.13 -0.27 20.44
C ASP F 225 55.95 0.19 21.87
N PHE F 226 55.34 -0.64 22.70
CA PHE F 226 55.11 -0.26 24.10
C PHE F 226 56.37 0.04 24.86
N PHE F 227 57.35 -0.83 24.74
CA PHE F 227 58.59 -0.65 25.46
C PHE F 227 59.40 0.55 25.01
N ILE F 228 59.51 0.75 23.70
CA ILE F 228 60.25 1.89 23.21
C ILE F 228 59.73 3.12 23.95
N GLU F 229 58.41 3.28 23.94
CA GLU F 229 57.73 4.42 24.58
C GLU F 229 57.77 4.51 26.11
N THR F 230 57.88 3.40 26.80
CA THR F 230 57.96 3.49 28.25
C THR F 230 59.42 3.24 28.60
N GLY F 231 60.22 3.03 27.56
CA GLY F 231 61.64 2.77 27.74
C GLY F 231 61.85 1.37 28.29
N LEU F 232 60.91 0.91 29.11
CA LEU F 232 60.92 -0.41 29.73
C LEU F 232 61.55 -1.47 28.84
N ASN F 233 62.08 -2.53 29.44
CA ASN F 233 62.73 -3.58 28.68
C ASN F 233 61.93 -4.83 28.43
N LYS F 234 61.86 -5.21 27.17
CA LYS F 234 61.13 -6.39 26.71
C LYS F 234 61.75 -7.70 27.17
N PRO F 235 61.00 -8.49 27.95
CA PRO F 235 61.55 -9.77 28.42
C PRO F 235 61.51 -10.81 27.29
N GLY F 236 62.56 -11.60 27.14
CA GLY F 236 62.58 -12.58 26.09
C GLY F 236 61.59 -13.72 26.31
N ASN F 237 60.61 -13.52 27.20
CA ASN F 237 59.64 -14.56 27.47
C ASN F 237 58.61 -14.07 28.48
N ILE F 238 57.37 -13.92 28.00
CA ILE F 238 56.25 -13.47 28.84
C ILE F 238 55.16 -14.52 28.76
N THR F 239 54.43 -14.74 29.86
CA THR F 239 53.36 -15.75 29.83
C THR F 239 52.21 -15.29 28.96
N SER F 240 51.42 -16.24 28.47
CA SER F 240 50.26 -15.91 27.65
C SER F 240 49.08 -15.70 28.58
N TYR F 241 47.97 -15.20 28.05
CA TYR F 241 46.79 -14.96 28.86
C TYR F 241 45.65 -15.94 28.58
N ASP F 242 45.34 -16.75 29.58
CA ASP F 242 44.28 -17.74 29.50
C ASP F 242 43.10 -17.13 30.25
N SER F 243 42.03 -16.82 29.51
CA SER F 243 40.85 -16.20 30.11
C SER F 243 40.31 -16.98 31.31
N SER F 244 40.69 -18.26 31.40
CA SER F 244 40.22 -19.10 32.48
C SER F 244 41.28 -19.42 33.53
N LYS F 245 42.54 -19.13 33.20
CA LYS F 245 43.66 -19.40 34.10
C LYS F 245 43.88 -18.23 35.08
N HIS F 246 43.48 -17.04 34.68
CA HIS F 246 43.66 -15.87 35.52
C HIS F 246 42.80 -14.71 35.02
N HIS F 247 41.52 -14.74 35.40
CA HIS F 247 40.58 -13.71 35.03
C HIS F 247 40.75 -12.56 36.01
N TYR F 248 40.63 -11.33 35.49
CA TYR F 248 40.77 -10.13 36.29
C TYR F 248 39.62 -10.00 37.28
N LYS F 249 38.60 -10.82 37.05
CA LYS F 249 37.40 -10.82 37.88
C LYS F 249 37.06 -12.22 38.40
N ASN F 250 37.55 -13.26 37.74
CA ASN F 250 37.26 -14.62 38.18
C ASN F 250 38.44 -15.42 38.75
N HIS F 251 39.66 -14.94 38.53
CA HIS F 251 40.83 -15.64 39.04
C HIS F 251 41.87 -14.62 39.49
N SER F 252 41.41 -13.55 40.12
CA SER F 252 42.27 -12.48 40.60
C SER F 252 43.65 -12.99 41.02
N GLU F 253 43.65 -14.06 41.82
CA GLU F 253 44.89 -14.65 42.29
C GLU F 253 45.87 -14.79 41.13
N GLY F 254 45.53 -15.65 40.17
CA GLY F 254 46.37 -15.88 39.01
C GLY F 254 46.49 -14.67 38.13
N PHE F 255 45.61 -13.69 38.36
CA PHE F 255 45.64 -12.47 37.56
C PHE F 255 46.80 -11.60 38.02
N GLU F 256 46.76 -11.19 39.28
CA GLU F 256 47.82 -10.36 39.85
C GLU F 256 49.13 -11.13 39.85
N ALA F 257 49.03 -12.45 39.97
CA ALA F 257 50.21 -13.30 39.95
C ALA F 257 50.85 -13.20 38.56
N LEU F 258 50.01 -13.19 37.54
CA LEU F 258 50.48 -13.08 36.16
C LEU F 258 51.25 -11.77 36.03
N VAL F 259 50.67 -10.70 36.55
CA VAL F 259 51.30 -9.39 36.48
C VAL F 259 52.60 -9.31 37.25
N LYS F 260 52.63 -9.92 38.43
CA LYS F 260 53.86 -9.89 39.23
C LYS F 260 54.97 -10.42 38.33
N GLU F 261 54.85 -11.68 37.94
CA GLU F 261 55.83 -12.33 37.07
C GLU F 261 56.26 -11.47 35.88
N THR F 262 55.28 -10.86 35.22
CA THR F 262 55.52 -10.01 34.07
C THR F 262 56.33 -8.78 34.43
N ARG F 263 55.86 -8.02 35.41
CA ARG F 263 56.57 -6.83 35.83
C ARG F 263 58.02 -7.22 36.10
N GLU F 264 58.19 -8.28 36.89
CA GLU F 264 59.53 -8.80 37.20
C GLU F 264 60.29 -9.10 35.90
N ALA F 265 59.57 -9.62 34.91
CA ALA F 265 60.19 -9.92 33.64
C ALA F 265 60.81 -8.64 33.12
N VAL F 266 59.96 -7.65 32.90
CA VAL F 266 60.39 -6.35 32.40
C VAL F 266 61.43 -5.68 33.28
N ALA F 267 61.39 -5.98 34.58
CA ALA F 267 62.33 -5.39 35.52
C ALA F 267 63.73 -5.99 35.40
N ASN F 268 63.81 -7.30 35.18
CA ASN F 268 65.12 -7.95 35.09
C ASN F 268 65.60 -8.14 33.66
N ALA F 269 64.74 -7.85 32.70
CA ALA F 269 65.07 -8.01 31.29
C ALA F 269 66.23 -7.12 30.85
N ASP F 270 67.05 -7.65 29.96
CA ASP F 270 68.21 -6.97 29.42
C ASP F 270 67.85 -6.09 28.22
N GLU F 271 68.82 -5.30 27.75
CA GLU F 271 68.62 -4.40 26.62
C GLU F 271 69.04 -5.12 25.35
N SER F 272 69.04 -6.45 25.39
CA SER F 272 69.45 -7.26 24.25
C SER F 272 68.52 -7.18 23.06
N TRP F 273 67.21 -7.10 23.34
CA TRP F 273 66.18 -7.05 22.30
C TRP F 273 66.16 -5.84 21.38
N LYS F 274 66.46 -4.68 21.93
CA LYS F 274 66.45 -3.44 21.17
C LYS F 274 67.19 -3.55 19.85
N THR F 275 68.00 -4.59 19.72
CA THR F 275 68.78 -4.78 18.50
C THR F 275 68.08 -5.70 17.51
N LYS F 276 66.89 -6.19 17.86
CA LYS F 276 66.15 -7.11 17.01
C LYS F 276 64.80 -6.57 16.51
N THR F 277 64.20 -5.69 17.31
CA THR F 277 62.90 -5.08 17.02
C THR F 277 62.48 -5.03 15.54
N VAL F 278 61.18 -5.24 15.33
CA VAL F 278 60.58 -5.24 14.01
C VAL F 278 60.73 -3.89 13.34
N LYS F 279 60.34 -2.85 14.06
CA LYS F 279 60.43 -1.49 13.56
C LYS F 279 61.78 -0.89 13.94
N LYS F 280 62.43 -0.26 12.98
CA LYS F 280 63.71 0.35 13.24
C LYS F 280 63.47 1.72 13.84
N TYR F 281 63.14 1.76 15.13
CA TYR F 281 62.87 3.01 15.79
C TYR F 281 64.05 3.97 15.71
N GLY F 282 63.90 5.06 14.96
CA GLY F 282 64.97 6.03 14.84
C GLY F 282 65.20 6.48 13.41
#